data_1B9P
# 
_entry.id   1B9P 
# 
_audit_conform.dict_name       mmcif_pdbx.dic 
_audit_conform.dict_version    5.383 
_audit_conform.dict_location   http://mmcif.pdb.org/dictionaries/ascii/mmcif_pdbx.dic 
# 
loop_
_database_2.database_id 
_database_2.database_code 
_database_2.pdbx_database_accession 
_database_2.pdbx_DOI 
PDB   1B9P         pdb_00001b9p 10.2210/pdb1b9p/pdb 
RCSB  RCSB000486   ?            ?                   
WWPDB D_1000000486 ?            ?                   
# 
loop_
_pdbx_audit_revision_history.ordinal 
_pdbx_audit_revision_history.data_content_type 
_pdbx_audit_revision_history.major_revision 
_pdbx_audit_revision_history.minor_revision 
_pdbx_audit_revision_history.revision_date 
1 'Structure model' 1 0 1999-02-25 
2 'Structure model' 1 1 2008-04-26 
3 'Structure model' 1 2 2011-07-13 
4 'Structure model' 1 3 2019-11-06 
5 'Structure model' 1 4 2023-12-27 
# 
_pdbx_audit_revision_details.ordinal             1 
_pdbx_audit_revision_details.revision_ordinal    1 
_pdbx_audit_revision_details.data_content_type   'Structure model' 
_pdbx_audit_revision_details.provider            repository 
_pdbx_audit_revision_details.type                'Initial release' 
_pdbx_audit_revision_details.description         ? 
_pdbx_audit_revision_details.details             ? 
# 
loop_
_pdbx_audit_revision_group.ordinal 
_pdbx_audit_revision_group.revision_ordinal 
_pdbx_audit_revision_group.data_content_type 
_pdbx_audit_revision_group.group 
1 2 'Structure model' 'Version format compliance' 
2 3 'Structure model' 'Version format compliance' 
3 4 'Structure model' 'Data collection'           
4 4 'Structure model' 'Database references'       
5 4 'Structure model' 'Derived calculations'      
6 4 'Structure model' 'Source and taxonomy'       
7 5 'Structure model' 'Data collection'           
8 5 'Structure model' 'Database references'       
# 
loop_
_pdbx_audit_revision_category.ordinal 
_pdbx_audit_revision_category.revision_ordinal 
_pdbx_audit_revision_category.data_content_type 
_pdbx_audit_revision_category.category 
1 4 'Structure model' citation              
2 4 'Structure model' citation_author       
3 4 'Structure model' pdbx_entity_src_syn   
4 4 'Structure model' pdbx_struct_assembly  
5 4 'Structure model' pdbx_struct_oper_list 
6 4 'Structure model' struct_ref_seq_dif    
7 5 'Structure model' chem_comp_atom        
8 5 'Structure model' chem_comp_bond        
9 5 'Structure model' database_2            
# 
loop_
_pdbx_audit_revision_item.ordinal 
_pdbx_audit_revision_item.revision_ordinal 
_pdbx_audit_revision_item.data_content_type 
_pdbx_audit_revision_item.item 
1 4 'Structure model' '_citation.pdbx_database_id_PubMed'        
2 4 'Structure model' '_citation.title'                          
3 4 'Structure model' '_citation_author.name'                    
4 4 'Structure model' '_pdbx_entity_src_syn.ncbi_taxonomy_id'    
5 4 'Structure model' '_pdbx_entity_src_syn.organism_scientific' 
6 4 'Structure model' '_struct_ref_seq_dif.details'              
7 5 'Structure model' '_database_2.pdbx_DOI'                     
8 5 'Structure model' '_database_2.pdbx_database_accession'      
# 
_pdbx_database_status.status_code                     REL 
_pdbx_database_status.entry_id                        1B9P 
_pdbx_database_status.recvd_initial_deposition_date   1999-02-15 
_pdbx_database_status.deposit_site                    PDBE 
_pdbx_database_status.process_site                    RCSB 
_pdbx_database_status.status_code_mr                  REL 
_pdbx_database_status.status_code_sf                  ? 
_pdbx_database_status.SG_entry                        ? 
_pdbx_database_status.pdb_format_compatible           Y 
_pdbx_database_status.status_code_cs                  ? 
_pdbx_database_status.methods_development_category    ? 
_pdbx_database_status.status_code_nmr_data            ? 
# 
loop_
_audit_author.name 
_audit_author.pdbx_ordinal 
_audit_author.identifier_ORCID 
'Montserret, R.' 1 ? 
'Deleage, G.'    2 ? 
'Penin, F.'      3 ? 
# 
loop_
_citation.id 
_citation.title 
_citation.journal_abbrev 
_citation.journal_volume 
_citation.page_first 
_citation.page_last 
_citation.year 
_citation.journal_id_ASTM 
_citation.country 
_citation.journal_id_ISSN 
_citation.journal_id_CSD 
_citation.book_publisher 
_citation.pdbx_database_id_PubMed 
_citation.pdbx_database_id_DOI 
primary 'Structural analysis of the heparin-binding site of the NC1 domain of collagen XIV by CD and NMR.'             
Biochemistry   38 6479 6488 1999 BICHAW US 0006-2960 0033 ? 10350466 10.1021/bi9900222               
1       'Identification and characterization of a heparin binding site within the NC1 domain of chicken collagen XIV.' 
'Matrix Biol.' 17 145  149  1998 ?      GE 0945-053X ?    ? 9694594  '10.1016/S0945-053X(98)90027-0' 
# 
loop_
_citation_author.citation_id 
_citation_author.name 
_citation_author.ordinal 
_citation_author.identifier_ORCID 
primary 'Montserret, R.'     1  ? 
primary 'Aubert-Foucher, E.' 2  ? 
primary 'McLeish, M.J.'      3  ? 
primary 'Hill, J.M.'         4  ? 
primary 'Ficheux, D.'        5  ? 
primary 'Jaquinod, M.'       6  ? 
primary 'van der Rest, M.'   7  ? 
primary 'Deleage, G.'        8  ? 
primary 'Penin, F.'          9  ? 
1       'Giry-Lozinguez, C.' 10 ? 
1       'Aubert-Foucher, E.' 11 ? 
1       'Penin, F.'          12 ? 
1       'Deleage, G.'        13 ? 
1       'Dublet, B.'         14 ? 
1       'van der Rest, M.'   15 ? 
# 
_entity.id                         1 
_entity.type                       polymer 
_entity.src_method                 syn 
_entity.pdbx_description           'PROTEIN (COLLAGEN ALPHA 1)' 
_entity.formula_weight             4020.755 
_entity.pdbx_number_of_molecules   1 
_entity.pdbx_ec                    ? 
_entity.pdbx_mutation              E1C 
_entity.pdbx_fragment              'FRAGMENT 84-116 OF NC1 (HEPARIN BINDING SITE)' 
_entity.details                    ? 
# 
_entity_name_com.entity_id   1 
_entity_name_com.name        'ALPHA 1 TYPE XIV COLLAGEN' 
# 
_entity_poly.entity_id                      1 
_entity_poly.type                           'polypeptide(L)' 
_entity_poly.nstd_linkage                   no 
_entity_poly.nstd_monomer                   no 
_entity_poly.pdbx_seq_one_letter_code       CAVELRSPGISRFRRKIAKRSIKTLEHKRENAKE 
_entity_poly.pdbx_seq_one_letter_code_can   CAVELRSPGISRFRRKIAKRSIKTLEHKRENAKE 
_entity_poly.pdbx_strand_id                 A 
_entity_poly.pdbx_target_identifier         ? 
# 
loop_
_entity_poly_seq.entity_id 
_entity_poly_seq.num 
_entity_poly_seq.mon_id 
_entity_poly_seq.hetero 
1 1  CYS n 
1 2  ALA n 
1 3  VAL n 
1 4  GLU n 
1 5  LEU n 
1 6  ARG n 
1 7  SER n 
1 8  PRO n 
1 9  GLY n 
1 10 ILE n 
1 11 SER n 
1 12 ARG n 
1 13 PHE n 
1 14 ARG n 
1 15 ARG n 
1 16 LYS n 
1 17 ILE n 
1 18 ALA n 
1 19 LYS n 
1 20 ARG n 
1 21 SER n 
1 22 ILE n 
1 23 LYS n 
1 24 THR n 
1 25 LEU n 
1 26 GLU n 
1 27 HIS n 
1 28 LYS n 
1 29 ARG n 
1 30 GLU n 
1 31 ASN n 
1 32 ALA n 
1 33 LYS n 
1 34 GLU n 
# 
_pdbx_entity_src_syn.entity_id              1 
_pdbx_entity_src_syn.pdbx_src_id            1 
_pdbx_entity_src_syn.pdbx_alt_source_flag   sample 
_pdbx_entity_src_syn.pdbx_beg_seq_num       ? 
_pdbx_entity_src_syn.pdbx_end_seq_num       ? 
_pdbx_entity_src_syn.organism_scientific    'synthetic construct' 
_pdbx_entity_src_syn.organism_common_name   ? 
_pdbx_entity_src_syn.ncbi_taxonomy_id       32630 
_pdbx_entity_src_syn.details                
;THE PROTEIN WAS CHEMICALLY SYNTHESIZED. THE SEQUENCE OF THIS PROTEIN IS NATURALLY FOUND EXTRACELLULARLY IN THE EMBRYO OF GALLUS GALLUS (CHICKEN).
;
# 
loop_
_chem_comp.id 
_chem_comp.type 
_chem_comp.mon_nstd_flag 
_chem_comp.name 
_chem_comp.pdbx_synonyms 
_chem_comp.formula 
_chem_comp.formula_weight 
ALA 'L-peptide linking' y ALANINE         ? 'C3 H7 N O2'     89.093  
ARG 'L-peptide linking' y ARGININE        ? 'C6 H15 N4 O2 1' 175.209 
ASN 'L-peptide linking' y ASPARAGINE      ? 'C4 H8 N2 O3'    132.118 
CYS 'L-peptide linking' y CYSTEINE        ? 'C3 H7 N O2 S'   121.158 
GLU 'L-peptide linking' y 'GLUTAMIC ACID' ? 'C5 H9 N O4'     147.129 
GLY 'peptide linking'   y GLYCINE         ? 'C2 H5 N O2'     75.067  
HIS 'L-peptide linking' y HISTIDINE       ? 'C6 H10 N3 O2 1' 156.162 
ILE 'L-peptide linking' y ISOLEUCINE      ? 'C6 H13 N O2'    131.173 
LEU 'L-peptide linking' y LEUCINE         ? 'C6 H13 N O2'    131.173 
LYS 'L-peptide linking' y LYSINE          ? 'C6 H15 N2 O2 1' 147.195 
PHE 'L-peptide linking' y PHENYLALANINE   ? 'C9 H11 N O2'    165.189 
PRO 'L-peptide linking' y PROLINE         ? 'C5 H9 N O2'     115.130 
SER 'L-peptide linking' y SERINE          ? 'C3 H7 N O3'     105.093 
THR 'L-peptide linking' y THREONINE       ? 'C4 H9 N O3'     119.119 
VAL 'L-peptide linking' y VALINE          ? 'C5 H11 N O2'    117.146 
# 
loop_
_pdbx_poly_seq_scheme.asym_id 
_pdbx_poly_seq_scheme.entity_id 
_pdbx_poly_seq_scheme.seq_id 
_pdbx_poly_seq_scheme.mon_id 
_pdbx_poly_seq_scheme.ndb_seq_num 
_pdbx_poly_seq_scheme.pdb_seq_num 
_pdbx_poly_seq_scheme.auth_seq_num 
_pdbx_poly_seq_scheme.pdb_mon_id 
_pdbx_poly_seq_scheme.auth_mon_id 
_pdbx_poly_seq_scheme.pdb_strand_id 
_pdbx_poly_seq_scheme.pdb_ins_code 
_pdbx_poly_seq_scheme.hetero 
A 1 1  CYS 1  1  1  CYS CYS A . n 
A 1 2  ALA 2  2  2  ALA ALA A . n 
A 1 3  VAL 3  3  3  VAL VAL A . n 
A 1 4  GLU 4  4  4  GLU GLU A . n 
A 1 5  LEU 5  5  5  LEU LEU A . n 
A 1 6  ARG 6  6  6  ARG ARG A . n 
A 1 7  SER 7  7  7  SER SER A . n 
A 1 8  PRO 8  8  8  PRO PRO A . n 
A 1 9  GLY 9  9  9  GLY GLY A . n 
A 1 10 ILE 10 10 10 ILE ILE A . n 
A 1 11 SER 11 11 11 SER SER A . n 
A 1 12 ARG 12 12 12 ARG ARG A . n 
A 1 13 PHE 13 13 13 PHE PHE A . n 
A 1 14 ARG 14 14 14 ARG ARG A . n 
A 1 15 ARG 15 15 15 ARG ARG A . n 
A 1 16 LYS 16 16 16 LYS LYS A . n 
A 1 17 ILE 17 17 17 ILE ILE A . n 
A 1 18 ALA 18 18 18 ALA ALA A . n 
A 1 19 LYS 19 19 19 LYS LYS A . n 
A 1 20 ARG 20 20 20 ARG ARG A . n 
A 1 21 SER 21 21 21 SER SER A . n 
A 1 22 ILE 22 22 22 ILE ILE A . n 
A 1 23 LYS 23 23 23 LYS LYS A . n 
A 1 24 THR 24 24 24 THR THR A . n 
A 1 25 LEU 25 25 25 LEU LEU A . n 
A 1 26 GLU 26 26 26 GLU GLU A . n 
A 1 27 HIS 27 27 27 HIS HIS A . n 
A 1 28 LYS 28 28 28 LYS LYS A . n 
A 1 29 ARG 29 29 29 ARG ARG A . n 
A 1 30 GLU 30 30 30 GLU GLU A . n 
A 1 31 ASN 31 31 31 ASN ASN A . n 
A 1 32 ALA 32 32 32 ALA ALA A . n 
A 1 33 LYS 33 33 33 LYS LYS A . n 
A 1 34 GLU 34 34 34 GLU GLU A . n 
# 
_cell.entry_id           1B9P 
_cell.length_a           1.000 
_cell.length_b           1.000 
_cell.length_c           1.000 
_cell.angle_alpha        90.00 
_cell.angle_beta         90.00 
_cell.angle_gamma        90.00 
_cell.Z_PDB              1 
_cell.pdbx_unique_axis   ? 
# 
_symmetry.entry_id                         1B9P 
_symmetry.space_group_name_H-M             'P 1' 
_symmetry.pdbx_full_space_group_name_H-M   ? 
_symmetry.cell_setting                     ? 
_symmetry.Int_Tables_number                1 
# 
_exptl.entry_id          1B9P 
_exptl.method            'SOLUTION NMR' 
_exptl.crystals_number   ? 
# 
_struct.entry_id                  1B9P 
_struct.title                     'NMR STRUCTURE OF HEPARIN BINDING SITE OF NON COLLAGENOUS DOMAIN I (NC1) OF COLLAGEN FACIT XIV' 
_struct.pdbx_model_details        ? 
_struct.pdbx_CASP_flag            ? 
_struct.pdbx_model_type_details   ? 
# 
_struct_keywords.entry_id        1B9P 
_struct_keywords.pdbx_keywords   'COLLAGEN FACIT XIV' 
_struct_keywords.text            'COLLAGEN FACIT XIV, HEPARIN-BINDING SITE, NC1' 
# 
_struct_asym.id                            A 
_struct_asym.pdbx_blank_PDB_chainid_flag   N 
_struct_asym.pdbx_modified                 N 
_struct_asym.entity_id                     1 
_struct_asym.details                       ? 
# 
_struct_ref.id                         1 
_struct_ref.db_name                    UNP 
_struct_ref.db_code                    COEA1_CHICK 
_struct_ref.entity_id                  1 
_struct_ref.pdbx_db_accession          P32018 
_struct_ref.pdbx_db_isoform            ? 
_struct_ref.pdbx_seq_one_letter_code   ? 
_struct_ref.pdbx_align_begin           ? 
# 
_struct_ref_seq.align_id                      1 
_struct_ref_seq.ref_id                        1 
_struct_ref_seq.pdbx_PDB_id_code              1B9P 
_struct_ref_seq.pdbx_strand_id                A 
_struct_ref_seq.seq_align_beg                 1 
_struct_ref_seq.pdbx_seq_align_beg_ins_code   ? 
_struct_ref_seq.seq_align_end                 34 
_struct_ref_seq.pdbx_seq_align_end_ins_code   ? 
_struct_ref_seq.pdbx_db_accession             P32018 
_struct_ref_seq.db_align_beg                  1852 
_struct_ref_seq.pdbx_db_align_beg_ins_code    ? 
_struct_ref_seq.db_align_end                  1885 
_struct_ref_seq.pdbx_db_align_end_ins_code    ? 
_struct_ref_seq.pdbx_auth_seq_align_beg       1 
_struct_ref_seq.pdbx_auth_seq_align_end       34 
# 
_struct_ref_seq_dif.align_id                     1 
_struct_ref_seq_dif.pdbx_pdb_id_code             1B9P 
_struct_ref_seq_dif.mon_id                       CYS 
_struct_ref_seq_dif.pdbx_pdb_strand_id           A 
_struct_ref_seq_dif.seq_num                      1 
_struct_ref_seq_dif.pdbx_pdb_ins_code            ? 
_struct_ref_seq_dif.pdbx_seq_db_name             UNP 
_struct_ref_seq_dif.pdbx_seq_db_accession_code   P32018 
_struct_ref_seq_dif.db_mon_id                    GLU 
_struct_ref_seq_dif.pdbx_seq_db_seq_num          1852 
_struct_ref_seq_dif.details                      'engineered mutation' 
_struct_ref_seq_dif.pdbx_auth_seq_num            1 
_struct_ref_seq_dif.pdbx_ordinal                 1 
# 
_pdbx_struct_assembly.id                   1 
_pdbx_struct_assembly.details              author_defined_assembly 
_pdbx_struct_assembly.method_details       ? 
_pdbx_struct_assembly.oligomeric_details   monomeric 
_pdbx_struct_assembly.oligomeric_count     1 
# 
_pdbx_struct_assembly_gen.assembly_id       1 
_pdbx_struct_assembly_gen.oper_expression   1 
_pdbx_struct_assembly_gen.asym_id_list      A 
# 
_pdbx_struct_oper_list.id                   1 
_pdbx_struct_oper_list.type                 'identity operation' 
_pdbx_struct_oper_list.name                 1_555 
_pdbx_struct_oper_list.symmetry_operation   ? 
_pdbx_struct_oper_list.matrix[1][1]         1.0000000000 
_pdbx_struct_oper_list.matrix[1][2]         0.0000000000 
_pdbx_struct_oper_list.matrix[1][3]         0.0000000000 
_pdbx_struct_oper_list.vector[1]            0.0000000000 
_pdbx_struct_oper_list.matrix[2][1]         0.0000000000 
_pdbx_struct_oper_list.matrix[2][2]         1.0000000000 
_pdbx_struct_oper_list.matrix[2][3]         0.0000000000 
_pdbx_struct_oper_list.vector[2]            0.0000000000 
_pdbx_struct_oper_list.matrix[3][1]         0.0000000000 
_pdbx_struct_oper_list.matrix[3][2]         0.0000000000 
_pdbx_struct_oper_list.matrix[3][3]         1.0000000000 
_pdbx_struct_oper_list.vector[3]            0.0000000000 
# 
_struct_conf.conf_type_id            HELX_P 
_struct_conf.id                      HELX_P1 
_struct_conf.pdbx_PDB_helix_id       1 
_struct_conf.beg_label_comp_id       SER 
_struct_conf.beg_label_asym_id       A 
_struct_conf.beg_label_seq_id        11 
_struct_conf.pdbx_beg_PDB_ins_code   ? 
_struct_conf.end_label_comp_id       ARG 
_struct_conf.end_label_asym_id       A 
_struct_conf.end_label_seq_id        29 
_struct_conf.pdbx_end_PDB_ins_code   ? 
_struct_conf.beg_auth_comp_id        SER 
_struct_conf.beg_auth_asym_id        A 
_struct_conf.beg_auth_seq_id         11 
_struct_conf.end_auth_comp_id        ARG 
_struct_conf.end_auth_asym_id        A 
_struct_conf.end_auth_seq_id         29 
_struct_conf.pdbx_PDB_helix_class    1 
_struct_conf.details                 ? 
_struct_conf.pdbx_PDB_helix_length   19 
# 
_struct_conf_type.id          HELX_P 
_struct_conf_type.criteria    ? 
_struct_conf_type.reference   ? 
# 
loop_
_pdbx_validate_torsion.id 
_pdbx_validate_torsion.PDB_model_num 
_pdbx_validate_torsion.auth_comp_id 
_pdbx_validate_torsion.auth_asym_id 
_pdbx_validate_torsion.auth_seq_id 
_pdbx_validate_torsion.PDB_ins_code 
_pdbx_validate_torsion.label_alt_id 
_pdbx_validate_torsion.phi 
_pdbx_validate_torsion.psi 
1 1 VAL A 3 ? ? -115.02 67.20  
2 1 ARG A 6 ? ? -153.04 -69.58 
3 1 SER A 7 ? ? 31.75   87.84  
# 
loop_
_pdbx_validate_planes.id 
_pdbx_validate_planes.PDB_model_num 
_pdbx_validate_planes.auth_comp_id 
_pdbx_validate_planes.auth_asym_id 
_pdbx_validate_planes.auth_seq_id 
_pdbx_validate_planes.PDB_ins_code 
_pdbx_validate_planes.label_alt_id 
_pdbx_validate_planes.rmsd 
_pdbx_validate_planes.type 
1 1 ARG A 6  ? ? 0.307 'SIDE CHAIN' 
2 1 ARG A 12 ? ? 0.304 'SIDE CHAIN' 
3 1 ARG A 14 ? ? 0.313 'SIDE CHAIN' 
4 1 ARG A 15 ? ? 0.319 'SIDE CHAIN' 
5 1 ARG A 20 ? ? 0.317 'SIDE CHAIN' 
6 1 ARG A 29 ? ? 0.271 'SIDE CHAIN' 
# 
_pdbx_nmr_ensemble.entry_id                                      1B9P 
_pdbx_nmr_ensemble.conformers_calculated_total_number            50 
_pdbx_nmr_ensemble.conformers_submitted_total_number             1 
_pdbx_nmr_ensemble.conformer_selection_criteria                  'NO RESTRAINT VIOLATION' 
_pdbx_nmr_ensemble.average_constraints_per_residue               ? 
_pdbx_nmr_ensemble.average_constraint_violations_per_residue     ? 
_pdbx_nmr_ensemble.maximum_distance_constraint_violation         ? 
_pdbx_nmr_ensemble.average_distance_constraint_violation         ? 
_pdbx_nmr_ensemble.maximum_upper_distance_constraint_violation   ? 
_pdbx_nmr_ensemble.maximum_lower_distance_constraint_violation   ? 
_pdbx_nmr_ensemble.distance_constraint_violation_method          ? 
_pdbx_nmr_ensemble.maximum_torsion_angle_constraint_violation    ? 
_pdbx_nmr_ensemble.average_torsion_angle_constraint_violation    ? 
_pdbx_nmr_ensemble.torsion_angle_constraint_violation_method     ? 
# 
_pdbx_nmr_exptl_sample_conditions.conditions_id       1 
_pdbx_nmr_exptl_sample_conditions.temperature         293 
_pdbx_nmr_exptl_sample_conditions.pressure            1 
_pdbx_nmr_exptl_sample_conditions.pH                  6.0 
_pdbx_nmr_exptl_sample_conditions.ionic_strength      ? 
_pdbx_nmr_exptl_sample_conditions.pressure_units      atm 
_pdbx_nmr_exptl_sample_conditions.temperature_units   K 
# 
loop_
_pdbx_nmr_exptl.experiment_id 
_pdbx_nmr_exptl.conditions_id 
_pdbx_nmr_exptl.type 
_pdbx_nmr_exptl.solution_id 
1 1 NOESY 1 
2 1 TOCSY 1 
# 
_pdbx_nmr_details.entry_id   1B9P 
_pdbx_nmr_details.text       'AVERAGED STRUCTURE' 
# 
_pdbx_nmr_refine.entry_id           1B9P 
_pdbx_nmr_refine.method             'distance geometry' 
_pdbx_nmr_refine.details            ? 
_pdbx_nmr_refine.software_ordinal   1 
# 
loop_
_pdbx_nmr_software.classification 
_pdbx_nmr_software.name 
_pdbx_nmr_software.version 
_pdbx_nmr_software.authors 
_pdbx_nmr_software.ordinal 
refinement           X-PLOR 3.1 BRUNGER 1 
'structure solution' VNMR   ?   ?       2 
# 
loop_
_chem_comp_atom.comp_id 
_chem_comp_atom.atom_id 
_chem_comp_atom.type_symbol 
_chem_comp_atom.pdbx_aromatic_flag 
_chem_comp_atom.pdbx_stereo_config 
_chem_comp_atom.pdbx_ordinal 
ALA N    N N N 1   
ALA CA   C N S 2   
ALA C    C N N 3   
ALA O    O N N 4   
ALA CB   C N N 5   
ALA OXT  O N N 6   
ALA H    H N N 7   
ALA H2   H N N 8   
ALA HA   H N N 9   
ALA HB1  H N N 10  
ALA HB2  H N N 11  
ALA HB3  H N N 12  
ALA HXT  H N N 13  
ARG N    N N N 14  
ARG CA   C N S 15  
ARG C    C N N 16  
ARG O    O N N 17  
ARG CB   C N N 18  
ARG CG   C N N 19  
ARG CD   C N N 20  
ARG NE   N N N 21  
ARG CZ   C N N 22  
ARG NH1  N N N 23  
ARG NH2  N N N 24  
ARG OXT  O N N 25  
ARG H    H N N 26  
ARG H2   H N N 27  
ARG HA   H N N 28  
ARG HB2  H N N 29  
ARG HB3  H N N 30  
ARG HG2  H N N 31  
ARG HG3  H N N 32  
ARG HD2  H N N 33  
ARG HD3  H N N 34  
ARG HE   H N N 35  
ARG HH11 H N N 36  
ARG HH12 H N N 37  
ARG HH21 H N N 38  
ARG HH22 H N N 39  
ARG HXT  H N N 40  
ASN N    N N N 41  
ASN CA   C N S 42  
ASN C    C N N 43  
ASN O    O N N 44  
ASN CB   C N N 45  
ASN CG   C N N 46  
ASN OD1  O N N 47  
ASN ND2  N N N 48  
ASN OXT  O N N 49  
ASN H    H N N 50  
ASN H2   H N N 51  
ASN HA   H N N 52  
ASN HB2  H N N 53  
ASN HB3  H N N 54  
ASN HD21 H N N 55  
ASN HD22 H N N 56  
ASN HXT  H N N 57  
CYS N    N N N 58  
CYS CA   C N R 59  
CYS C    C N N 60  
CYS O    O N N 61  
CYS CB   C N N 62  
CYS SG   S N N 63  
CYS OXT  O N N 64  
CYS H    H N N 65  
CYS H2   H N N 66  
CYS HA   H N N 67  
CYS HB2  H N N 68  
CYS HB3  H N N 69  
CYS HG   H N N 70  
CYS HXT  H N N 71  
GLU N    N N N 72  
GLU CA   C N S 73  
GLU C    C N N 74  
GLU O    O N N 75  
GLU CB   C N N 76  
GLU CG   C N N 77  
GLU CD   C N N 78  
GLU OE1  O N N 79  
GLU OE2  O N N 80  
GLU OXT  O N N 81  
GLU H    H N N 82  
GLU H2   H N N 83  
GLU HA   H N N 84  
GLU HB2  H N N 85  
GLU HB3  H N N 86  
GLU HG2  H N N 87  
GLU HG3  H N N 88  
GLU HE2  H N N 89  
GLU HXT  H N N 90  
GLY N    N N N 91  
GLY CA   C N N 92  
GLY C    C N N 93  
GLY O    O N N 94  
GLY OXT  O N N 95  
GLY H    H N N 96  
GLY H2   H N N 97  
GLY HA2  H N N 98  
GLY HA3  H N N 99  
GLY HXT  H N N 100 
HIS N    N N N 101 
HIS CA   C N S 102 
HIS C    C N N 103 
HIS O    O N N 104 
HIS CB   C N N 105 
HIS CG   C Y N 106 
HIS ND1  N Y N 107 
HIS CD2  C Y N 108 
HIS CE1  C Y N 109 
HIS NE2  N Y N 110 
HIS OXT  O N N 111 
HIS H    H N N 112 
HIS H2   H N N 113 
HIS HA   H N N 114 
HIS HB2  H N N 115 
HIS HB3  H N N 116 
HIS HD1  H N N 117 
HIS HD2  H N N 118 
HIS HE1  H N N 119 
HIS HE2  H N N 120 
HIS HXT  H N N 121 
ILE N    N N N 122 
ILE CA   C N S 123 
ILE C    C N N 124 
ILE O    O N N 125 
ILE CB   C N S 126 
ILE CG1  C N N 127 
ILE CG2  C N N 128 
ILE CD1  C N N 129 
ILE OXT  O N N 130 
ILE H    H N N 131 
ILE H2   H N N 132 
ILE HA   H N N 133 
ILE HB   H N N 134 
ILE HG12 H N N 135 
ILE HG13 H N N 136 
ILE HG21 H N N 137 
ILE HG22 H N N 138 
ILE HG23 H N N 139 
ILE HD11 H N N 140 
ILE HD12 H N N 141 
ILE HD13 H N N 142 
ILE HXT  H N N 143 
LEU N    N N N 144 
LEU CA   C N S 145 
LEU C    C N N 146 
LEU O    O N N 147 
LEU CB   C N N 148 
LEU CG   C N N 149 
LEU CD1  C N N 150 
LEU CD2  C N N 151 
LEU OXT  O N N 152 
LEU H    H N N 153 
LEU H2   H N N 154 
LEU HA   H N N 155 
LEU HB2  H N N 156 
LEU HB3  H N N 157 
LEU HG   H N N 158 
LEU HD11 H N N 159 
LEU HD12 H N N 160 
LEU HD13 H N N 161 
LEU HD21 H N N 162 
LEU HD22 H N N 163 
LEU HD23 H N N 164 
LEU HXT  H N N 165 
LYS N    N N N 166 
LYS CA   C N S 167 
LYS C    C N N 168 
LYS O    O N N 169 
LYS CB   C N N 170 
LYS CG   C N N 171 
LYS CD   C N N 172 
LYS CE   C N N 173 
LYS NZ   N N N 174 
LYS OXT  O N N 175 
LYS H    H N N 176 
LYS H2   H N N 177 
LYS HA   H N N 178 
LYS HB2  H N N 179 
LYS HB3  H N N 180 
LYS HG2  H N N 181 
LYS HG3  H N N 182 
LYS HD2  H N N 183 
LYS HD3  H N N 184 
LYS HE2  H N N 185 
LYS HE3  H N N 186 
LYS HZ1  H N N 187 
LYS HZ2  H N N 188 
LYS HZ3  H N N 189 
LYS HXT  H N N 190 
PHE N    N N N 191 
PHE CA   C N S 192 
PHE C    C N N 193 
PHE O    O N N 194 
PHE CB   C N N 195 
PHE CG   C Y N 196 
PHE CD1  C Y N 197 
PHE CD2  C Y N 198 
PHE CE1  C Y N 199 
PHE CE2  C Y N 200 
PHE CZ   C Y N 201 
PHE OXT  O N N 202 
PHE H    H N N 203 
PHE H2   H N N 204 
PHE HA   H N N 205 
PHE HB2  H N N 206 
PHE HB3  H N N 207 
PHE HD1  H N N 208 
PHE HD2  H N N 209 
PHE HE1  H N N 210 
PHE HE2  H N N 211 
PHE HZ   H N N 212 
PHE HXT  H N N 213 
PRO N    N N N 214 
PRO CA   C N S 215 
PRO C    C N N 216 
PRO O    O N N 217 
PRO CB   C N N 218 
PRO CG   C N N 219 
PRO CD   C N N 220 
PRO OXT  O N N 221 
PRO H    H N N 222 
PRO HA   H N N 223 
PRO HB2  H N N 224 
PRO HB3  H N N 225 
PRO HG2  H N N 226 
PRO HG3  H N N 227 
PRO HD2  H N N 228 
PRO HD3  H N N 229 
PRO HXT  H N N 230 
SER N    N N N 231 
SER CA   C N S 232 
SER C    C N N 233 
SER O    O N N 234 
SER CB   C N N 235 
SER OG   O N N 236 
SER OXT  O N N 237 
SER H    H N N 238 
SER H2   H N N 239 
SER HA   H N N 240 
SER HB2  H N N 241 
SER HB3  H N N 242 
SER HG   H N N 243 
SER HXT  H N N 244 
THR N    N N N 245 
THR CA   C N S 246 
THR C    C N N 247 
THR O    O N N 248 
THR CB   C N R 249 
THR OG1  O N N 250 
THR CG2  C N N 251 
THR OXT  O N N 252 
THR H    H N N 253 
THR H2   H N N 254 
THR HA   H N N 255 
THR HB   H N N 256 
THR HG1  H N N 257 
THR HG21 H N N 258 
THR HG22 H N N 259 
THR HG23 H N N 260 
THR HXT  H N N 261 
VAL N    N N N 262 
VAL CA   C N S 263 
VAL C    C N N 264 
VAL O    O N N 265 
VAL CB   C N N 266 
VAL CG1  C N N 267 
VAL CG2  C N N 268 
VAL OXT  O N N 269 
VAL H    H N N 270 
VAL H2   H N N 271 
VAL HA   H N N 272 
VAL HB   H N N 273 
VAL HG11 H N N 274 
VAL HG12 H N N 275 
VAL HG13 H N N 276 
VAL HG21 H N N 277 
VAL HG22 H N N 278 
VAL HG23 H N N 279 
VAL HXT  H N N 280 
# 
loop_
_chem_comp_bond.comp_id 
_chem_comp_bond.atom_id_1 
_chem_comp_bond.atom_id_2 
_chem_comp_bond.value_order 
_chem_comp_bond.pdbx_aromatic_flag 
_chem_comp_bond.pdbx_stereo_config 
_chem_comp_bond.pdbx_ordinal 
ALA N   CA   sing N N 1   
ALA N   H    sing N N 2   
ALA N   H2   sing N N 3   
ALA CA  C    sing N N 4   
ALA CA  CB   sing N N 5   
ALA CA  HA   sing N N 6   
ALA C   O    doub N N 7   
ALA C   OXT  sing N N 8   
ALA CB  HB1  sing N N 9   
ALA CB  HB2  sing N N 10  
ALA CB  HB3  sing N N 11  
ALA OXT HXT  sing N N 12  
ARG N   CA   sing N N 13  
ARG N   H    sing N N 14  
ARG N   H2   sing N N 15  
ARG CA  C    sing N N 16  
ARG CA  CB   sing N N 17  
ARG CA  HA   sing N N 18  
ARG C   O    doub N N 19  
ARG C   OXT  sing N N 20  
ARG CB  CG   sing N N 21  
ARG CB  HB2  sing N N 22  
ARG CB  HB3  sing N N 23  
ARG CG  CD   sing N N 24  
ARG CG  HG2  sing N N 25  
ARG CG  HG3  sing N N 26  
ARG CD  NE   sing N N 27  
ARG CD  HD2  sing N N 28  
ARG CD  HD3  sing N N 29  
ARG NE  CZ   sing N N 30  
ARG NE  HE   sing N N 31  
ARG CZ  NH1  sing N N 32  
ARG CZ  NH2  doub N N 33  
ARG NH1 HH11 sing N N 34  
ARG NH1 HH12 sing N N 35  
ARG NH2 HH21 sing N N 36  
ARG NH2 HH22 sing N N 37  
ARG OXT HXT  sing N N 38  
ASN N   CA   sing N N 39  
ASN N   H    sing N N 40  
ASN N   H2   sing N N 41  
ASN CA  C    sing N N 42  
ASN CA  CB   sing N N 43  
ASN CA  HA   sing N N 44  
ASN C   O    doub N N 45  
ASN C   OXT  sing N N 46  
ASN CB  CG   sing N N 47  
ASN CB  HB2  sing N N 48  
ASN CB  HB3  sing N N 49  
ASN CG  OD1  doub N N 50  
ASN CG  ND2  sing N N 51  
ASN ND2 HD21 sing N N 52  
ASN ND2 HD22 sing N N 53  
ASN OXT HXT  sing N N 54  
CYS N   CA   sing N N 55  
CYS N   H    sing N N 56  
CYS N   H2   sing N N 57  
CYS CA  C    sing N N 58  
CYS CA  CB   sing N N 59  
CYS CA  HA   sing N N 60  
CYS C   O    doub N N 61  
CYS C   OXT  sing N N 62  
CYS CB  SG   sing N N 63  
CYS CB  HB2  sing N N 64  
CYS CB  HB3  sing N N 65  
CYS SG  HG   sing N N 66  
CYS OXT HXT  sing N N 67  
GLU N   CA   sing N N 68  
GLU N   H    sing N N 69  
GLU N   H2   sing N N 70  
GLU CA  C    sing N N 71  
GLU CA  CB   sing N N 72  
GLU CA  HA   sing N N 73  
GLU C   O    doub N N 74  
GLU C   OXT  sing N N 75  
GLU CB  CG   sing N N 76  
GLU CB  HB2  sing N N 77  
GLU CB  HB3  sing N N 78  
GLU CG  CD   sing N N 79  
GLU CG  HG2  sing N N 80  
GLU CG  HG3  sing N N 81  
GLU CD  OE1  doub N N 82  
GLU CD  OE2  sing N N 83  
GLU OE2 HE2  sing N N 84  
GLU OXT HXT  sing N N 85  
GLY N   CA   sing N N 86  
GLY N   H    sing N N 87  
GLY N   H2   sing N N 88  
GLY CA  C    sing N N 89  
GLY CA  HA2  sing N N 90  
GLY CA  HA3  sing N N 91  
GLY C   O    doub N N 92  
GLY C   OXT  sing N N 93  
GLY OXT HXT  sing N N 94  
HIS N   CA   sing N N 95  
HIS N   H    sing N N 96  
HIS N   H2   sing N N 97  
HIS CA  C    sing N N 98  
HIS CA  CB   sing N N 99  
HIS CA  HA   sing N N 100 
HIS C   O    doub N N 101 
HIS C   OXT  sing N N 102 
HIS CB  CG   sing N N 103 
HIS CB  HB2  sing N N 104 
HIS CB  HB3  sing N N 105 
HIS CG  ND1  sing Y N 106 
HIS CG  CD2  doub Y N 107 
HIS ND1 CE1  doub Y N 108 
HIS ND1 HD1  sing N N 109 
HIS CD2 NE2  sing Y N 110 
HIS CD2 HD2  sing N N 111 
HIS CE1 NE2  sing Y N 112 
HIS CE1 HE1  sing N N 113 
HIS NE2 HE2  sing N N 114 
HIS OXT HXT  sing N N 115 
ILE N   CA   sing N N 116 
ILE N   H    sing N N 117 
ILE N   H2   sing N N 118 
ILE CA  C    sing N N 119 
ILE CA  CB   sing N N 120 
ILE CA  HA   sing N N 121 
ILE C   O    doub N N 122 
ILE C   OXT  sing N N 123 
ILE CB  CG1  sing N N 124 
ILE CB  CG2  sing N N 125 
ILE CB  HB   sing N N 126 
ILE CG1 CD1  sing N N 127 
ILE CG1 HG12 sing N N 128 
ILE CG1 HG13 sing N N 129 
ILE CG2 HG21 sing N N 130 
ILE CG2 HG22 sing N N 131 
ILE CG2 HG23 sing N N 132 
ILE CD1 HD11 sing N N 133 
ILE CD1 HD12 sing N N 134 
ILE CD1 HD13 sing N N 135 
ILE OXT HXT  sing N N 136 
LEU N   CA   sing N N 137 
LEU N   H    sing N N 138 
LEU N   H2   sing N N 139 
LEU CA  C    sing N N 140 
LEU CA  CB   sing N N 141 
LEU CA  HA   sing N N 142 
LEU C   O    doub N N 143 
LEU C   OXT  sing N N 144 
LEU CB  CG   sing N N 145 
LEU CB  HB2  sing N N 146 
LEU CB  HB3  sing N N 147 
LEU CG  CD1  sing N N 148 
LEU CG  CD2  sing N N 149 
LEU CG  HG   sing N N 150 
LEU CD1 HD11 sing N N 151 
LEU CD1 HD12 sing N N 152 
LEU CD1 HD13 sing N N 153 
LEU CD2 HD21 sing N N 154 
LEU CD2 HD22 sing N N 155 
LEU CD2 HD23 sing N N 156 
LEU OXT HXT  sing N N 157 
LYS N   CA   sing N N 158 
LYS N   H    sing N N 159 
LYS N   H2   sing N N 160 
LYS CA  C    sing N N 161 
LYS CA  CB   sing N N 162 
LYS CA  HA   sing N N 163 
LYS C   O    doub N N 164 
LYS C   OXT  sing N N 165 
LYS CB  CG   sing N N 166 
LYS CB  HB2  sing N N 167 
LYS CB  HB3  sing N N 168 
LYS CG  CD   sing N N 169 
LYS CG  HG2  sing N N 170 
LYS CG  HG3  sing N N 171 
LYS CD  CE   sing N N 172 
LYS CD  HD2  sing N N 173 
LYS CD  HD3  sing N N 174 
LYS CE  NZ   sing N N 175 
LYS CE  HE2  sing N N 176 
LYS CE  HE3  sing N N 177 
LYS NZ  HZ1  sing N N 178 
LYS NZ  HZ2  sing N N 179 
LYS NZ  HZ3  sing N N 180 
LYS OXT HXT  sing N N 181 
PHE N   CA   sing N N 182 
PHE N   H    sing N N 183 
PHE N   H2   sing N N 184 
PHE CA  C    sing N N 185 
PHE CA  CB   sing N N 186 
PHE CA  HA   sing N N 187 
PHE C   O    doub N N 188 
PHE C   OXT  sing N N 189 
PHE CB  CG   sing N N 190 
PHE CB  HB2  sing N N 191 
PHE CB  HB3  sing N N 192 
PHE CG  CD1  doub Y N 193 
PHE CG  CD2  sing Y N 194 
PHE CD1 CE1  sing Y N 195 
PHE CD1 HD1  sing N N 196 
PHE CD2 CE2  doub Y N 197 
PHE CD2 HD2  sing N N 198 
PHE CE1 CZ   doub Y N 199 
PHE CE1 HE1  sing N N 200 
PHE CE2 CZ   sing Y N 201 
PHE CE2 HE2  sing N N 202 
PHE CZ  HZ   sing N N 203 
PHE OXT HXT  sing N N 204 
PRO N   CA   sing N N 205 
PRO N   CD   sing N N 206 
PRO N   H    sing N N 207 
PRO CA  C    sing N N 208 
PRO CA  CB   sing N N 209 
PRO CA  HA   sing N N 210 
PRO C   O    doub N N 211 
PRO C   OXT  sing N N 212 
PRO CB  CG   sing N N 213 
PRO CB  HB2  sing N N 214 
PRO CB  HB3  sing N N 215 
PRO CG  CD   sing N N 216 
PRO CG  HG2  sing N N 217 
PRO CG  HG3  sing N N 218 
PRO CD  HD2  sing N N 219 
PRO CD  HD3  sing N N 220 
PRO OXT HXT  sing N N 221 
SER N   CA   sing N N 222 
SER N   H    sing N N 223 
SER N   H2   sing N N 224 
SER CA  C    sing N N 225 
SER CA  CB   sing N N 226 
SER CA  HA   sing N N 227 
SER C   O    doub N N 228 
SER C   OXT  sing N N 229 
SER CB  OG   sing N N 230 
SER CB  HB2  sing N N 231 
SER CB  HB3  sing N N 232 
SER OG  HG   sing N N 233 
SER OXT HXT  sing N N 234 
THR N   CA   sing N N 235 
THR N   H    sing N N 236 
THR N   H2   sing N N 237 
THR CA  C    sing N N 238 
THR CA  CB   sing N N 239 
THR CA  HA   sing N N 240 
THR C   O    doub N N 241 
THR C   OXT  sing N N 242 
THR CB  OG1  sing N N 243 
THR CB  CG2  sing N N 244 
THR CB  HB   sing N N 245 
THR OG1 HG1  sing N N 246 
THR CG2 HG21 sing N N 247 
THR CG2 HG22 sing N N 248 
THR CG2 HG23 sing N N 249 
THR OXT HXT  sing N N 250 
VAL N   CA   sing N N 251 
VAL N   H    sing N N 252 
VAL N   H2   sing N N 253 
VAL CA  C    sing N N 254 
VAL CA  CB   sing N N 255 
VAL CA  HA   sing N N 256 
VAL C   O    doub N N 257 
VAL C   OXT  sing N N 258 
VAL CB  CG1  sing N N 259 
VAL CB  CG2  sing N N 260 
VAL CB  HB   sing N N 261 
VAL CG1 HG11 sing N N 262 
VAL CG1 HG12 sing N N 263 
VAL CG1 HG13 sing N N 264 
VAL CG2 HG21 sing N N 265 
VAL CG2 HG22 sing N N 266 
VAL CG2 HG23 sing N N 267 
VAL OXT HXT  sing N N 268 
# 
_pdbx_nmr_spectrometer.spectrometer_id   1 
_pdbx_nmr_spectrometer.model             UNITYPLUS 
_pdbx_nmr_spectrometer.manufacturer      Varian 
_pdbx_nmr_spectrometer.field_strength    500 
_pdbx_nmr_spectrometer.type              ? 
# 
_atom_sites.entry_id                    1B9P 
_atom_sites.fract_transf_matrix[1][1]   1.000000 
_atom_sites.fract_transf_matrix[1][2]   0.000000 
_atom_sites.fract_transf_matrix[1][3]   0.000000 
_atom_sites.fract_transf_matrix[2][1]   0.000000 
_atom_sites.fract_transf_matrix[2][2]   1.000000 
_atom_sites.fract_transf_matrix[2][3]   0.000000 
_atom_sites.fract_transf_matrix[3][1]   0.000000 
_atom_sites.fract_transf_matrix[3][2]   0.000000 
_atom_sites.fract_transf_matrix[3][3]   1.000000 
_atom_sites.fract_transf_vector[1]      0.00000 
_atom_sites.fract_transf_vector[2]      0.00000 
_atom_sites.fract_transf_vector[3]      0.00000 
# 
loop_
_atom_type.symbol 
C 
H 
N 
O 
S 
# 
loop_
_atom_site.group_PDB 
_atom_site.id 
_atom_site.type_symbol 
_atom_site.label_atom_id 
_atom_site.label_alt_id 
_atom_site.label_comp_id 
_atom_site.label_asym_id 
_atom_site.label_entity_id 
_atom_site.label_seq_id 
_atom_site.pdbx_PDB_ins_code 
_atom_site.Cartn_x 
_atom_site.Cartn_y 
_atom_site.Cartn_z 
_atom_site.occupancy 
_atom_site.B_iso_or_equiv 
_atom_site.pdbx_formal_charge 
_atom_site.auth_seq_id 
_atom_site.auth_comp_id 
_atom_site.auth_asym_id 
_atom_site.auth_atom_id 
_atom_site.pdbx_PDB_model_num 
ATOM 1   N N    . CYS A 1 1  ? 23.945  -4.817 -3.973  1.00 5.78 ? 1  CYS A N    1 
ATOM 2   C CA   . CYS A 1 1  ? 24.471  -3.420 -4.058  1.00 4.91 ? 1  CYS A CA   1 
ATOM 3   C C    . CYS A 1 1  ? 23.326  -2.406 -3.935  1.00 3.96 ? 1  CYS A C    1 
ATOM 4   O O    . CYS A 1 1  ? 22.171  -2.739 -4.140  1.00 3.93 ? 1  CYS A O    1 
ATOM 5   C CB   . CYS A 1 1  ? 25.164  -3.300 -5.423  1.00 5.02 ? 1  CYS A CB   1 
ATOM 6   S SG   . CYS A 1 1  ? 26.898  -3.804 -5.272  1.00 5.60 ? 1  CYS A SG   1 
ATOM 7   H H1   . CYS A 1 1  ? 23.190  -4.950 -4.678  1.00 5.73 ? 1  CYS A H1   1 
ATOM 8   H H2   . CYS A 1 1  ? 24.712  -5.496 -4.149  1.00 6.28 ? 1  CYS A H2   1 
ATOM 9   H H3   . CYS A 1 1  ? 23.559  -4.982 -3.021  1.00 6.16 ? 1  CYS A H3   1 
ATOM 10  H HA   . CYS A 1 1  ? 25.195  -3.251 -3.275  1.00 5.16 ? 1  CYS A HA   1 
ATOM 11  H HB2  . CYS A 1 1  ? 24.669  -3.937 -6.140  1.00 5.62 ? 1  CYS A HB2  1 
ATOM 12  H HB3  . CYS A 1 1  ? 25.119  -2.276 -5.765  1.00 4.44 ? 1  CYS A HB3  1 
ATOM 13  H HG   . CYS A 1 1  ? 26.947  -4.749 -5.436  1.00 5.70 ? 1  CYS A HG   1 
ATOM 14  N N    . ALA A 1 2  ? 23.647  -1.177 -3.602  1.00 3.36 ? 2  ALA A N    1 
ATOM 15  C CA   . ALA A 1 2  ? 22.596  -0.121 -3.458  1.00 2.48 ? 2  ALA A CA   1 
ATOM 16  C C    . ALA A 1 2  ? 22.019  0.258  -4.829  1.00 1.96 ? 2  ALA A C    1 
ATOM 17  O O    . ALA A 1 2  ? 22.715  0.210  -5.829  1.00 2.54 ? 2  ALA A O    1 
ATOM 18  C CB   . ALA A 1 2  ? 23.286  1.083  -2.811  1.00 3.05 ? 2  ALA A CB   1 
ATOM 19  H H    . ALA A 1 2  ? 24.587  -0.948 -3.448  1.00 3.63 ? 2  ALA A H    1 
ATOM 20  H HA   . ALA A 1 2  ? 21.811  -0.474 -2.805  1.00 2.30 ? 2  ALA A HA   1 
ATOM 21  H HB1  . ALA A 1 2  ? 23.911  0.750  -1.994  1.00 2.93 ? 2  ALA A HB1  1 
ATOM 22  H HB2  . ALA A 1 2  ? 23.894  1.589  -3.547  1.00 3.30 ? 2  ALA A HB2  1 
ATOM 23  H HB3  . ALA A 1 2  ? 22.539  1.764  -2.434  1.00 3.76 ? 2  ALA A HB3  1 
ATOM 24  N N    . VAL A 1 3  ? 20.762  0.630  -4.872  1.00 1.64 ? 3  VAL A N    1 
ATOM 25  C CA   . VAL A 1 3  ? 20.117  1.017  -6.165  1.00 1.95 ? 3  VAL A CA   1 
ATOM 26  C C    . VAL A 1 3  ? 19.733  2.501  -6.121  1.00 2.42 ? 3  VAL A C    1 
ATOM 27  O O    . VAL A 1 3  ? 18.570  2.869  -6.114  1.00 3.14 ? 3  VAL A O    1 
ATOM 28  C CB   . VAL A 1 3  ? 18.911  0.081  -6.381  1.00 2.42 ? 3  VAL A CB   1 
ATOM 29  C CG1  . VAL A 1 3  ? 19.415  -1.337 -6.657  1.00 2.19 ? 3  VAL A CG1  1 
ATOM 30  C CG2  . VAL A 1 3  ? 17.977  0.048  -5.162  1.00 2.92 ? 3  VAL A CG2  1 
ATOM 31  H H    . VAL A 1 3  ? 20.238  0.656  -4.044  1.00 1.92 ? 3  VAL A H    1 
ATOM 32  H HA   . VAL A 1 3  ? 20.826  0.876  -6.968  1.00 2.39 ? 3  VAL A HA   1 
ATOM 33  H HB   . VAL A 1 3  ? 18.365  0.422  -7.250  1.00 3.13 ? 3  VAL A HB   1 
ATOM 34  H HG11 . VAL A 1 3  ? 20.166  -1.305 -7.433  1.00 2.27 ? 3  VAL A HG11 1 
ATOM 35  H HG12 . VAL A 1 3  ? 19.846  -1.748 -5.755  1.00 2.46 ? 3  VAL A HG12 1 
ATOM 36  H HG13 . VAL A 1 3  ? 18.592  -1.958 -6.977  1.00 2.27 ? 3  VAL A HG13 1 
ATOM 37  H HG21 . VAL A 1 3  ? 17.976  1.013  -4.676  1.00 3.03 ? 3  VAL A HG21 1 
ATOM 38  H HG22 . VAL A 1 3  ? 16.975  -0.192 -5.486  1.00 3.76 ? 3  VAL A HG22 1 
ATOM 39  H HG23 . VAL A 1 3  ? 18.318  -0.707 -4.467  1.00 2.89 ? 3  VAL A HG23 1 
ATOM 40  N N    . GLU A 1 4  ? 20.739  3.348  -6.088  1.00 2.62 ? 4  GLU A N    1 
ATOM 41  C CA   . GLU A 1 4  ? 20.571  4.842  -6.042  1.00 3.60 ? 4  GLU A CA   1 
ATOM 42  C C    . GLU A 1 4  ? 19.821  5.336  -4.789  1.00 3.15 ? 4  GLU A C    1 
ATOM 43  O O    . GLU A 1 4  ? 19.431  6.489  -4.745  1.00 3.93 ? 4  GLU A O    1 
ATOM 44  C CB   . GLU A 1 4  ? 19.802  5.249  -7.307  1.00 4.68 ? 4  GLU A CB   1 
ATOM 45  C CG   . GLU A 1 4  ? 20.584  4.876  -8.572  1.00 5.21 ? 4  GLU A CG   1 
ATOM 46  C CD   . GLU A 1 4  ? 21.376  6.090  -9.060  1.00 6.19 ? 4  GLU A CD   1 
ATOM 47  O OE1  . GLU A 1 4  ? 20.815  6.896  -9.787  1.00 6.72 ? 4  GLU A OE1  1 
ATOM 48  O OE2  . GLU A 1 4  ? 22.534  6.191  -8.691  1.00 6.62 ? 4  GLU A OE2  1 
ATOM 49  H H    . GLU A 1 4  ? 21.652  2.990  -6.094  1.00 2.48 ? 4  GLU A H    1 
ATOM 50  H HA   . GLU A 1 4  ? 21.543  5.308  -6.077  1.00 4.17 ? 4  GLU A HA   1 
ATOM 51  H HB2  . GLU A 1 4  ? 18.841  4.758  -7.324  1.00 4.72 ? 4  GLU A HB2  1 
ATOM 52  H HB3  . GLU A 1 4  ? 19.648  6.318  -7.292  1.00 5.36 ? 4  GLU A HB3  1 
ATOM 53  H HG2  . GLU A 1 4  ? 21.263  4.063  -8.358  1.00 5.51 ? 4  GLU A HG2  1 
ATOM 54  H HG3  . GLU A 1 4  ? 19.894  4.571  -9.344  1.00 4.89 ? 4  GLU A HG3  1 
ATOM 55  N N    . LEU A 1 5  ? 19.611  4.505  -3.786  1.00 2.12 ? 5  LEU A N    1 
ATOM 56  C CA   . LEU A 1 5  ? 18.884  4.904  -2.533  1.00 1.96 ? 5  LEU A CA   1 
ATOM 57  C C    . LEU A 1 5  ? 17.474  5.453  -2.828  1.00 2.15 ? 5  LEU A C    1 
ATOM 58  O O    . LEU A 1 5  ? 16.927  6.201  -2.037  1.00 2.67 ? 5  LEU A O    1 
ATOM 59  C CB   . LEU A 1 5  ? 19.779  5.944  -1.835  1.00 1.84 ? 5  LEU A CB   1 
ATOM 60  C CG   . LEU A 1 5  ? 20.370  5.391  -0.530  1.00 1.92 ? 5  LEU A CG   1 
ATOM 61  C CD1  . LEU A 1 5  ? 19.258  5.036  0.461   1.00 2.26 ? 5  LEU A CD1  1 
ATOM 62  C CD2  . LEU A 1 5  ? 21.220  4.146  -0.814  1.00 1.97 ? 5  LEU A CD2  1 
ATOM 63  H H    . LEU A 1 5  ? 19.936  3.585  -3.848  1.00 1.74 ? 5  LEU A H    1 
ATOM 64  H HA   . LEU A 1 5  ? 18.791  4.043  -1.890  1.00 2.19 ? 5  LEU A HA   1 
ATOM 65  H HB2  . LEU A 1 5  ? 20.588  6.220  -2.494  1.00 2.14 ? 5  LEU A HB2  1 
ATOM 66  H HB3  . LEU A 1 5  ? 19.196  6.827  -1.610  1.00 2.16 ? 5  LEU A HB3  1 
ATOM 67  H HG   . LEU A 1 5  ? 20.994  6.154  -0.088  1.00 2.58 ? 5  LEU A HG   1 
ATOM 68  H HD11 . LEU A 1 5  ? 18.449  5.745  0.365   1.00 2.56 ? 5  LEU A HD11 1 
ATOM 69  H HD12 . LEU A 1 5  ? 18.892  4.042  0.255   1.00 2.31 ? 5  LEU A HD12 1 
ATOM 70  H HD13 . LEU A 1 5  ? 19.650  5.074  1.466   1.00 2.66 ? 5  LEU A HD13 1 
ATOM 71  H HD21 . LEU A 1 5  ? 21.884  4.343  -1.642  1.00 2.51 ? 5  LEU A HD21 1 
ATOM 72  H HD22 . LEU A 1 5  ? 21.803  3.905  0.063   1.00 2.00 ? 5  LEU A HD22 1 
ATOM 73  H HD23 . LEU A 1 5  ? 20.575  3.314  -1.057  1.00 2.44 ? 5  LEU A HD23 1 
ATOM 74  N N    . ARG A 1 6  ? 16.885  5.088  -3.947  1.00 1.90 ? 6  ARG A N    1 
ATOM 75  C CA   . ARG A 1 6  ? 15.518  5.558  -4.334  1.00 2.33 ? 6  ARG A CA   1 
ATOM 76  C C    . ARG A 1 6  ? 14.895  4.491  -5.247  1.00 2.08 ? 6  ARG A C    1 
ATOM 77  O O    . ARG A 1 6  ? 13.974  3.821  -4.828  1.00 2.15 ? 6  ARG A O    1 
ATOM 78  C CB   . ARG A 1 6  ? 15.736  6.909  -5.040  1.00 2.62 ? 6  ARG A CB   1 
ATOM 79  C CG   . ARG A 1 6  ? 14.466  7.770  -5.010  1.00 3.48 ? 6  ARG A CG   1 
ATOM 80  C CD   . ARG A 1 6  ? 14.849  9.245  -5.200  1.00 3.91 ? 6  ARG A CD   1 
ATOM 81  N NE   . ARG A 1 6  ? 14.006  9.752  -6.324  1.00 4.28 ? 6  ARG A NE   1 
ATOM 82  C CZ   . ARG A 1 6  ? 14.562  10.343 -7.352  1.00 4.67 ? 6  ARG A CZ   1 
ATOM 83  N NH1  . ARG A 1 6  ? 15.170  9.624  -8.261  1.00 5.48 ? 6  ARG A NH1  1 
ATOM 84  N NH2  . ARG A 1 6  ? 14.502  11.646 -7.455  1.00 4.56 ? 6  ARG A NH2  1 
ATOM 85  H H    . ARG A 1 6  ? 17.353  4.481  -4.557  1.00 1.55 ? 6  ARG A H    1 
ATOM 86  H HA   . ARG A 1 6  ? 14.906  5.689  -3.453  1.00 2.87 ? 6  ARG A HA   1 
ATOM 87  H HB2  . ARG A 1 6  ? 16.530  7.440  -4.536  1.00 2.74 ? 6  ARG A HB2  1 
ATOM 88  H HB3  . ARG A 1 6  ? 16.027  6.742  -6.066  1.00 2.36 ? 6  ARG A HB3  1 
ATOM 89  H HG2  . ARG A 1 6  ? 13.799  7.457  -5.801  1.00 3.41 ? 6  ARG A HG2  1 
ATOM 90  H HG3  . ARG A 1 6  ? 13.968  7.654  -4.058  1.00 4.16 ? 6  ARG A HG3  1 
ATOM 91  H HD2  . ARG A 1 6  ? 14.640  9.798  -4.293  1.00 4.41 ? 6  ARG A HD2  1 
ATOM 92  H HD3  . ARG A 1 6  ? 15.894  9.337  -5.459  1.00 3.87 ? 6  ARG A HD3  1 
ATOM 93  H HE   . ARG A 1 6  ? 13.032  9.642  -6.291  1.00 4.50 ? 6  ARG A HE   1 
ATOM 94  H HH11 . ARG A 1 6  ? 15.209  8.629  -8.169  1.00 5.73 ? 6  ARG A HH11 1 
ATOM 95  H HH12 . ARG A 1 6  ? 15.602  10.061 -9.052  1.00 5.99 ? 6  ARG A HH12 1 
ATOM 96  H HH21 . ARG A 1 6  ? 14.034  12.184 -6.753  1.00 4.19 ? 6  ARG A HH21 1 
ATOM 97  H HH22 . ARG A 1 6  ? 14.922  12.112 -8.235  1.00 5.06 ? 6  ARG A HH22 1 
ATOM 98  N N    . SER A 1 7  ? 15.402  4.340  -6.456  1.00 2.04 ? 7  SER A N    1 
ATOM 99  C CA   . SER A 1 7  ? 14.916  3.335  -7.464  1.00 2.04 ? 7  SER A CA   1 
ATOM 100 C C    . SER A 1 7  ? 13.408  3.014  -7.386  1.00 1.37 ? 7  SER A C    1 
ATOM 101 O O    . SER A 1 7  ? 13.019  2.079  -6.708  1.00 1.48 ? 7  SER A O    1 
ATOM 102 C CB   . SER A 1 7  ? 15.767  2.087  -7.216  1.00 2.81 ? 7  SER A CB   1 
ATOM 103 O OG   . SER A 1 7  ? 16.863  2.094  -8.122  1.00 3.96 ? 7  SER A OG   1 
ATOM 104 H H    . SER A 1 7  ? 16.153  4.912  -6.721  1.00 2.20 ? 7  SER A H    1 
ATOM 105 H HA   . SER A 1 7  ? 15.148  3.694  -8.452  1.00 2.36 ? 7  SER A HA   1 
ATOM 106 H HB2  . SER A 1 7  ? 16.146  2.086  -6.206  1.00 2.74 ? 7  SER A HB2  1 
ATOM 107 H HB3  . SER A 1 7  ? 15.157  1.204  -7.362  1.00 3.02 ? 7  SER A HB3  1 
ATOM 108 H HG   . SER A 1 7  ? 17.591  2.569  -7.710  1.00 4.41 ? 7  SER A HG   1 
ATOM 109 N N    . PRO A 1 8  ? 12.600  3.787  -8.082  1.00 1.38 ? 8  PRO A N    1 
ATOM 110 C CA   . PRO A 1 8  ? 11.125  3.562  -8.080  1.00 1.47 ? 8  PRO A CA   1 
ATOM 111 C C    . PRO A 1 8  ? 10.739  2.363  -8.969  1.00 1.35 ? 8  PRO A C    1 
ATOM 112 O O    . PRO A 1 8  ? 9.990   2.501  -9.919  1.00 1.95 ? 8  PRO A O    1 
ATOM 113 C CB   . PRO A 1 8  ? 10.562  4.884  -8.608  1.00 2.39 ? 8  PRO A CB   1 
ATOM 114 C CG   . PRO A 1 8  ? 11.657  5.487  -9.425  1.00 2.72 ? 8  PRO A CG   1 
ATOM 115 C CD   . PRO A 1 8  ? 12.963  4.937  -8.926  1.00 2.14 ? 8  PRO A CD   1 
ATOM 116 H HA   . PRO A 1 8  ? 10.772  3.407  -7.074  1.00 1.53 ? 8  PRO A HA   1 
ATOM 117 H HB2  . PRO A 1 8  ? 9.688   4.702  -9.216  1.00 2.81 ? 8  PRO A HB2  1 
ATOM 118 H HB3  . PRO A 1 8  ? 10.322  5.544  -7.789  1.00 2.64 ? 8  PRO A HB3  1 
ATOM 119 H HG2  . PRO A 1 8  ? 11.521  5.223  -10.465 1.00 3.14 ? 8  PRO A HG2  1 
ATOM 120 H HG3  . PRO A 1 8  ? 11.656  6.560  -9.314  1.00 3.20 ? 8  PRO A HG3  1 
ATOM 121 H HD2  . PRO A 1 8  ? 13.576  4.623  -9.759  1.00 2.58 ? 8  PRO A HD2  1 
ATOM 122 H HD3  . PRO A 1 8  ? 13.481  5.675  -8.331  1.00 2.14 ? 8  PRO A HD3  1 
ATOM 123 N N    . GLY A 1 9  ? 11.242  1.192  -8.656  1.00 1.11 ? 9  GLY A N    1 
ATOM 124 C CA   . GLY A 1 9  ? 10.925  -0.035 -9.446  1.00 1.10 ? 9  GLY A CA   1 
ATOM 125 C C    . GLY A 1 9  ? 9.887   -0.809 -8.639  1.00 1.06 ? 9  GLY A C    1 
ATOM 126 O O    . GLY A 1 9  ? 8.703   -0.696 -8.894  1.00 1.89 ? 9  GLY A O    1 
ATOM 127 H H    . GLY A 1 9  ? 11.837  1.114  -7.880  1.00 1.44 ? 9  GLY A H    1 
ATOM 128 H HA2  . GLY A 1 9  ? 10.527  0.238  -10.415 1.00 1.21 ? 9  GLY A HA2  1 
ATOM 129 H HA3  . GLY A 1 9  ? 11.806  -0.643 -9.563  1.00 1.17 ? 9  GLY A HA3  1 
ATOM 130 N N    . ILE A 1 10 ? 10.330  -1.573 -7.665  1.00 0.87 ? 10 ILE A N    1 
ATOM 131 C CA   . ILE A 1 10 ? 9.379   -2.354 -6.813  1.00 0.92 ? 10 ILE A CA   1 
ATOM 132 C C    . ILE A 1 10 ? 8.669   -1.378 -5.862  1.00 0.76 ? 10 ILE A C    1 
ATOM 133 O O    . ILE A 1 10 ? 7.508   -1.572 -5.567  1.00 0.84 ? 10 ILE A O    1 
ATOM 134 C CB   . ILE A 1 10 ? 10.199  -3.417 -6.059  1.00 1.01 ? 10 ILE A CB   1 
ATOM 135 C CG1  . ILE A 1 10 ? 10.621  -4.517 -7.043  1.00 1.72 ? 10 ILE A CG1  1 
ATOM 136 C CG2  . ILE A 1 10 ? 9.362   -4.047 -4.937  1.00 1.64 ? 10 ILE A CG2  1 
ATOM 137 C CD1  . ILE A 1 10 ? 11.639  -5.457 -6.390  1.00 2.58 ? 10 ILE A CD1  1 
ATOM 138 H H    . ILE A 1 10 ? 11.294  -1.621 -7.489  1.00 1.43 ? 10 ILE A H    1 
ATOM 139 H HA   . ILE A 1 10 ? 8.644   -2.832 -7.445  1.00 1.08 ? 10 ILE A HA   1 
ATOM 140 H HB   . ILE A 1 10 ? 11.077  -2.957 -5.632  1.00 1.01 ? 10 ILE A HB   1 
ATOM 141 H HG12 . ILE A 1 10 ? 9.750   -5.082 -7.341  1.00 1.60 ? 10 ILE A HG12 1 
ATOM 142 H HG13 . ILE A 1 10 ? 11.067  -4.065 -7.916  1.00 2.27 ? 10 ILE A HG13 1 
ATOM 143 H HG21 . ILE A 1 10 ? 8.311   -3.969 -5.180  1.00 2.42 ? 10 ILE A HG21 1 
ATOM 144 H HG22 . ILE A 1 10 ? 9.627   -5.088 -4.825  1.00 1.92 ? 10 ILE A HG22 1 
ATOM 145 H HG23 . ILE A 1 10 ? 9.556   -3.525 -4.012  1.00 1.82 ? 10 ILE A HG23 1 
ATOM 146 H HD11 . ILE A 1 10 ? 11.265  -5.791 -5.433  1.00 2.67 ? 10 ILE A HD11 1 
ATOM 147 H HD12 . ILE A 1 10 ? 11.800  -6.313 -7.030  1.00 3.28 ? 10 ILE A HD12 1 
ATOM 148 H HD13 . ILE A 1 10 ? 12.573  -4.934 -6.250  1.00 2.76 ? 10 ILE A HD13 1 
ATOM 149 N N    . SER A 1 11 ? 9.340   -0.345 -5.395  1.00 0.70 ? 11 SER A N    1 
ATOM 150 C CA   . SER A 1 11 ? 8.702   0.651  -4.472  1.00 0.80 ? 11 SER A CA   1 
ATOM 151 C C    . SER A 1 11 ? 7.502   1.293  -5.182  1.00 0.86 ? 11 SER A C    1 
ATOM 152 O O    . SER A 1 11 ? 6.410   1.286  -4.653  1.00 0.95 ? 11 SER A O    1 
ATOM 153 C CB   . SER A 1 11 ? 9.771   1.701  -4.155  1.00 0.96 ? 11 SER A CB   1 
ATOM 154 O OG   . SER A 1 11 ? 10.616  1.213  -3.119  1.00 1.38 ? 11 SER A OG   1 
ATOM 155 H H    . SER A 1 11 ? 10.275  -0.218 -5.660  1.00 0.73 ? 11 SER A H    1 
ATOM 156 H HA   . SER A 1 11 ? 8.382   0.167  -3.563  1.00 0.87 ? 11 SER A HA   1 
ATOM 157 H HB2  . SER A 1 11 ? 10.371  1.894  -5.030  1.00 0.98 ? 11 SER A HB2  1 
ATOM 158 H HB3  . SER A 1 11 ? 9.287   2.620  -3.854  1.00 1.15 ? 11 SER A HB3  1 
ATOM 159 H HG   . SER A 1 11 ? 11.111  1.955  -2.759  1.00 1.30 ? 11 SER A HG   1 
ATOM 160 N N    . ARG A 1 12 ? 7.691   1.828  -6.368  1.00 0.89 ? 12 ARG A N    1 
ATOM 161 C CA   . ARG A 1 12 ? 6.558   2.462  -7.123  1.00 1.11 ? 12 ARG A CA   1 
ATOM 162 C C    . ARG A 1 12 ? 5.507   1.420  -7.558  1.00 1.11 ? 12 ARG A C    1 
ATOM 163 O O    . ARG A 1 12 ? 4.432   1.797  -7.984  1.00 1.32 ? 12 ARG A O    1 
ATOM 164 C CB   . ARG A 1 12 ? 7.173   3.144  -8.352  1.00 1.28 ? 12 ARG A CB   1 
ATOM 165 C CG   . ARG A 1 12 ? 6.564   4.539  -8.530  1.00 1.64 ? 12 ARG A CG   1 
ATOM 166 C CD   . ARG A 1 12 ? 5.857   4.652  -9.885  1.00 1.95 ? 12 ARG A CD   1 
ATOM 167 N NE   . ARG A 1 12 ? 6.866   5.226  -10.823 1.00 2.31 ? 12 ARG A NE   1 
ATOM 168 C CZ   . ARG A 1 12 ? 6.906   6.516  -11.041 1.00 3.09 ? 12 ARG A CZ   1 
ATOM 169 N NH1  . ARG A 1 12 ? 5.988   7.079  -11.787 1.00 3.42 ? 12 ARG A NH1  1 
ATOM 170 N NH2  . ARG A 1 12 ? 7.866   7.225  -10.506 1.00 3.86 ? 12 ARG A NH2  1 
ATOM 171 H H    . ARG A 1 12 ? 8.586   1.803  -6.770  1.00 0.84 ? 12 ARG A H    1 
ATOM 172 H HA   . ARG A 1 12 ? 6.087   3.211  -6.506  1.00 1.23 ? 12 ARG A HA   1 
ATOM 173 H HB2  . ARG A 1 12 ? 8.241   3.233  -8.223  1.00 1.21 ? 12 ARG A HB2  1 
ATOM 174 H HB3  . ARG A 1 12 ? 6.969   2.553  -9.233  1.00 1.30 ? 12 ARG A HB3  1 
ATOM 175 H HG2  . ARG A 1 12 ? 5.848   4.719  -7.740  1.00 1.96 ? 12 ARG A HG2  1 
ATOM 176 H HG3  . ARG A 1 12 ? 7.347   5.279  -8.474  1.00 1.72 ? 12 ARG A HG3  1 
ATOM 177 H HD2  . ARG A 1 12 ? 5.533   3.676  -10.220 1.00 2.27 ? 12 ARG A HD2  1 
ATOM 178 H HD3  . ARG A 1 12 ? 5.012   5.321  -9.811  1.00 2.41 ? 12 ARG A HD3  1 
ATOM 179 H HE   . ARG A 1 12 ? 7.503   4.630  -11.275 1.00 2.41 ? 12 ARG A HE   1 
ATOM 180 H HH11 . ARG A 1 12 ? 5.259   6.523  -12.186 1.00 3.23 ? 12 ARG A HH11 1 
ATOM 181 H HH12 . ARG A 1 12 ? 6.009   8.064  -11.960 1.00 4.11 ? 12 ARG A HH12 1 
ATOM 182 H HH21 . ARG A 1 12 ? 8.559   6.781  -9.936  1.00 4.00 ? 12 ARG A HH21 1 
ATOM 183 H HH22 . ARG A 1 12 ? 7.915   8.213  -10.661 1.00 4.49 ? 12 ARG A HH22 1 
ATOM 184 N N    . PHE A 1 13 ? 5.807   0.144  -7.453  1.00 0.96 ? 13 PHE A N    1 
ATOM 185 C CA   . PHE A 1 13 ? 4.864   -0.950 -7.843  1.00 1.08 ? 13 PHE A CA   1 
ATOM 186 C C    . PHE A 1 13 ? 4.115   -1.431 -6.585  1.00 0.88 ? 13 PHE A C    1 
ATOM 187 O O    . PHE A 1 13 ? 2.904   -1.578 -6.602  1.00 0.92 ? 13 PHE A O    1 
ATOM 188 C CB   . PHE A 1 13 ? 5.811   -2.007 -8.437  1.00 1.30 ? 13 PHE A CB   1 
ATOM 189 C CG   . PHE A 1 13 ? 5.151   -3.348 -8.670  1.00 1.33 ? 13 PHE A CG   1 
ATOM 190 C CD1  . PHE A 1 13 ? 5.129   -4.301 -7.647  1.00 1.58 ? 13 PHE A CD1  1 
ATOM 191 C CD2  . PHE A 1 13 ? 4.570   -3.640 -9.910  1.00 2.04 ? 13 PHE A CD2  1 
ATOM 192 C CE1  . PHE A 1 13 ? 4.528   -5.545 -7.860  1.00 1.59 ? 13 PHE A CE1  1 
ATOM 193 C CE2  . PHE A 1 13 ? 3.969   -4.886 -10.124 1.00 2.25 ? 13 PHE A CE2  1 
ATOM 194 C CZ   . PHE A 1 13 ? 3.946   -5.838 -9.099  1.00 1.63 ? 13 PHE A CZ   1 
ATOM 195 H H    . PHE A 1 13 ? 6.684   -0.115 -7.106  1.00 0.85 ? 13 PHE A H    1 
ATOM 196 H HA   . PHE A 1 13 ? 4.172   -0.610 -8.597  1.00 1.34 ? 13 PHE A HA   1 
ATOM 197 H HB2  . PHE A 1 13 ? 6.181   -1.645 -9.385  1.00 1.63 ? 13 PHE A HB2  1 
ATOM 198 H HB3  . PHE A 1 13 ? 6.652   -2.135 -7.771  1.00 1.33 ? 13 PHE A HB3  1 
ATOM 199 H HD1  . PHE A 1 13 ? 5.578   -4.076 -6.691  1.00 2.26 ? 13 PHE A HD1  1 
ATOM 200 H HD2  . PHE A 1 13 ? 4.586   -2.906 -10.701 1.00 2.74 ? 13 PHE A HD2  1 
ATOM 201 H HE1  . PHE A 1 13 ? 4.512   -6.279 -7.069  1.00 2.15 ? 13 PHE A HE1  1 
ATOM 202 H HE2  . PHE A 1 13 ? 3.522   -5.112 -11.080 1.00 3.10 ? 13 PHE A HE2  1 
ATOM 203 H HZ   . PHE A 1 13 ? 3.485   -6.800 -9.263  1.00 1.80 ? 13 PHE A HZ   1 
ATOM 204 N N    . ARG A 1 14 ? 4.836   -1.670 -5.510  1.00 0.79 ? 14 ARG A N    1 
ATOM 205 C CA   . ARG A 1 14 ? 4.225   -2.142 -4.226  1.00 0.91 ? 14 ARG A CA   1 
ATOM 206 C C    . ARG A 1 14 ? 3.436   -1.034 -3.508  1.00 0.94 ? 14 ARG A C    1 
ATOM 207 O O    . ARG A 1 14 ? 2.459   -1.343 -2.852  1.00 1.04 ? 14 ARG A O    1 
ATOM 208 C CB   . ARG A 1 14 ? 5.387   -2.664 -3.364  1.00 1.06 ? 14 ARG A CB   1 
ATOM 209 C CG   . ARG A 1 14 ? 6.216   -1.514 -2.778  1.00 1.25 ? 14 ARG A CG   1 
ATOM 210 C CD   . ARG A 1 14 ? 7.518   -2.048 -2.173  1.00 1.25 ? 14 ARG A CD   1 
ATOM 211 N NE   . ARG A 1 14 ? 7.526   -1.541 -0.770  1.00 1.43 ? 14 ARG A NE   1 
ATOM 212 C CZ   . ARG A 1 14 ? 7.096   -2.296 0.208   1.00 1.85 ? 14 ARG A CZ   1 
ATOM 213 N NH1  . ARG A 1 14 ? 7.891   -3.202 0.720   1.00 2.85 ? 14 ARG A NH1  1 
ATOM 214 N NH2  . ARG A 1 14 ? 5.879   -2.144 0.661   1.00 1.92 ? 14 ARG A NH2  1 
ATOM 215 H H    . ARG A 1 14 ? 5.810   -1.534 -5.549  1.00 0.76 ? 14 ARG A H    1 
ATOM 216 H HA   . ARG A 1 14 ? 3.559   -2.965 -4.432  1.00 1.04 ? 14 ARG A HA   1 
ATOM 217 H HB2  . ARG A 1 14 ? 4.988   -3.256 -2.553  1.00 1.44 ? 14 ARG A HB2  1 
ATOM 218 H HB3  . ARG A 1 14 ? 6.027   -3.288 -3.973  1.00 1.68 ? 14 ARG A HB3  1 
ATOM 219 H HG2  . ARG A 1 14 ? 6.445   -0.803 -3.558  1.00 1.88 ? 14 ARG A HG2  1 
ATOM 220 H HG3  . ARG A 1 14 ? 5.640   -1.022 -2.006  1.00 1.61 ? 14 ARG A HG3  1 
ATOM 221 H HD2  . ARG A 1 14 ? 7.529   -3.130 -2.195  1.00 1.26 ? 14 ARG A HD2  1 
ATOM 222 H HD3  . ARG A 1 14 ? 8.369   -1.652 -2.705  1.00 1.22 ? 14 ARG A HD3  1 
ATOM 223 H HE   . ARG A 1 14 ? 7.857   -0.635 -0.579  1.00 1.52 ? 14 ARG A HE   1 
ATOM 224 H HH11 . ARG A 1 14 ? 8.820   -3.312 0.361   1.00 3.37 ? 14 ARG A HH11 1 
ATOM 225 H HH12 . ARG A 1 14 ? 7.580   -3.789 1.467   1.00 3.31 ? 14 ARG A HH12 1 
ATOM 226 H HH21 . ARG A 1 14 ? 5.278   -1.450 0.260   1.00 1.97 ? 14 ARG A HH21 1 
ATOM 227 H HH22 . ARG A 1 14 ? 5.541   -2.716 1.409   1.00 2.47 ? 14 ARG A HH22 1 
ATOM 228 N N    . ARG A 1 15 ? 3.824   0.220  -3.614  1.00 1.02 ? 15 ARG A N    1 
ATOM 229 C CA   . ARG A 1 15 ? 3.066   1.316  -2.921  1.00 1.28 ? 15 ARG A CA   1 
ATOM 230 C C    . ARG A 1 15 ? 1.601   1.336  -3.383  1.00 1.15 ? 15 ARG A C    1 
ATOM 231 O O    . ARG A 1 15 ? 0.709   1.517  -2.572  1.00 1.31 ? 15 ARG A O    1 
ATOM 232 C CB   . ARG A 1 15 ? 3.779   2.631  -3.254  1.00 1.59 ? 15 ARG A CB   1 
ATOM 233 C CG   . ARG A 1 15 ? 5.029   2.765  -2.379  1.00 1.97 ? 15 ARG A CG   1 
ATOM 234 C CD   . ARG A 1 15 ? 5.222   4.227  -1.973  1.00 2.53 ? 15 ARG A CD   1 
ATOM 235 N NE   . ARG A 1 15 ? 4.576   4.373  -0.634  1.00 3.14 ? 15 ARG A NE   1 
ATOM 236 C CZ   . ARG A 1 15 ? 4.345   5.566  -0.151  1.00 3.84 ? 15 ARG A CZ   1 
ATOM 237 N NH1  . ARG A 1 15 ? 3.230   6.184  -0.447  1.00 4.55 ? 15 ARG A NH1  1 
ATOM 238 N NH2  . ARG A 1 15 ? 5.228   6.137  0.628   1.00 4.21 ? 15 ARG A NH2  1 
ATOM 239 H H    . ARG A 1 15 ? 4.618   0.440  -4.151  1.00 1.01 ? 15 ARG A H    1 
ATOM 240 H HA   . ARG A 1 15 ? 3.099   1.155  -1.854  1.00 1.46 ? 15 ARG A HA   1 
ATOM 241 H HB2  . ARG A 1 15 ? 4.057   2.640  -4.299  1.00 1.46 ? 15 ARG A HB2  1 
ATOM 242 H HB3  . ARG A 1 15 ? 3.114   3.457  -3.053  1.00 2.05 ? 15 ARG A HB3  1 
ATOM 243 H HG2  . ARG A 1 15 ? 4.923   2.151  -1.496  1.00 2.22 ? 15 ARG A HG2  1 
ATOM 244 H HG3  . ARG A 1 15 ? 5.894   2.438  -2.932  1.00 2.36 ? 15 ARG A HG3  1 
ATOM 245 H HD2  . ARG A 1 15 ? 6.278   4.454  -1.913  1.00 2.69 ? 15 ARG A HD2  1 
ATOM 246 H HD3  . ARG A 1 15 ? 4.738   4.881  -2.684  1.00 3.00 ? 15 ARG A HD3  1 
ATOM 247 H HE   . ARG A 1 15 ? 4.324   3.582  -0.110  1.00 3.27 ? 15 ARG A HE   1 
ATOM 248 H HH11 . ARG A 1 15 ? 2.556   5.746  -1.044  1.00 4.70 ? 15 ARG A HH11 1 
ATOM 249 H HH12 . ARG A 1 15 ? 3.044   7.098  -0.079  1.00 5.15 ? 15 ARG A HH12 1 
ATOM 250 H HH21 . ARG A 1 15 ? 6.080   5.664  0.853   1.00 4.07 ? 15 ARG A HH21 1 
ATOM 251 H HH22 . ARG A 1 15 ? 5.056   7.049  1.004   1.00 4.89 ? 15 ARG A HH22 1 
ATOM 252 N N    . LYS A 1 16 ? 1.357   1.142  -4.661  1.00 0.99 ? 16 LYS A N    1 
ATOM 253 C CA   . LYS A 1 16 ? -0.045  1.134  -5.193  1.00 1.01 ? 16 LYS A CA   1 
ATOM 254 C C    . LYS A 1 16 ? -0.775  -0.119 -4.681  1.00 0.84 ? 16 LYS A C    1 
ATOM 255 O O    . LYS A 1 16 ? -1.933  -0.043 -4.307  1.00 0.84 ? 16 LYS A O    1 
ATOM 256 C CB   . LYS A 1 16 ? 0.074   1.117  -6.722  1.00 1.19 ? 16 LYS A CB   1 
ATOM 257 C CG   . LYS A 1 16 ? -1.215  1.656  -7.356  1.00 1.64 ? 16 LYS A CG   1 
ATOM 258 C CD   . LYS A 1 16 ? -1.735  0.683  -8.419  1.00 2.15 ? 16 LYS A CD   1 
ATOM 259 C CE   . LYS A 1 16 ? -2.436  1.464  -9.538  1.00 2.13 ? 16 LYS A CE   1 
ATOM 260 N NZ   . LYS A 1 16 ? -1.847  0.984  -10.822 1.00 2.56 ? 16 LYS A NZ   1 
ATOM 261 H H    . LYS A 1 16 ? 2.108   0.992  -5.275  1.00 0.96 ? 16 LYS A H    1 
ATOM 262 H HA   . LYS A 1 16 ? -0.570  2.024  -4.877  1.00 1.14 ? 16 LYS A HA   1 
ATOM 263 H HB2  . LYS A 1 16 ? 0.908   1.734  -7.024  1.00 1.24 ? 16 LYS A HB2  1 
ATOM 264 H HB3  . LYS A 1 16 ? 0.239   0.104  -7.055  1.00 1.15 ? 16 LYS A HB3  1 
ATOM 265 H HG2  . LYS A 1 16 ? -1.965  1.780  -6.589  1.00 2.10 ? 16 LYS A HG2  1 
ATOM 266 H HG3  . LYS A 1 16 ? -1.011  2.611  -7.817  1.00 1.84 ? 16 LYS A HG3  1 
ATOM 267 H HD2  . LYS A 1 16 ? -0.909  0.116  -8.826  1.00 2.52 ? 16 LYS A HD2  1 
ATOM 268 H HD3  . LYS A 1 16 ? -2.443  0.005  -7.963  1.00 2.94 ? 16 LYS A HD3  1 
ATOM 269 H HE2  . LYS A 1 16 ? -3.499  1.263  -9.514  1.00 2.60 ? 16 LYS A HE2  1 
ATOM 270 H HE3  . LYS A 1 16 ? -2.256  2.523  -9.429  1.00 2.15 ? 16 LYS A HE3  1 
ATOM 271 H HZ1  . LYS A 1 16 ? -0.813  1.122  -10.820 1.00 3.38 ? 16 LYS A HZ1  1 
ATOM 272 H HZ2  . LYS A 1 16 ? -2.062  -0.025 -10.955 1.00 2.38 ? 16 LYS A HZ2  1 
ATOM 273 H HZ3  . LYS A 1 16 ? -2.260  1.518  -11.613 1.00 2.73 ? 16 LYS A HZ3  1 
ATOM 274 N N    . ILE A 1 17 ? -0.104  -1.252 -4.658  1.00 0.80 ? 17 ILE A N    1 
ATOM 275 C CA   . ILE A 1 17 ? -0.723  -2.528 -4.167  1.00 0.88 ? 17 ILE A CA   1 
ATOM 276 C C    . ILE A 1 17 ? -1.182  -2.324 -2.713  1.00 0.84 ? 17 ILE A C    1 
ATOM 277 O O    . ILE A 1 17 ? -2.277  -2.718 -2.356  1.00 0.87 ? 17 ILE A O    1 
ATOM 278 C CB   . ILE A 1 17 ? 0.370   -3.609 -4.279  1.00 1.07 ? 17 ILE A CB   1 
ATOM 279 C CG1  . ILE A 1 17 ? 0.618   -3.951 -5.755  1.00 1.20 ? 17 ILE A CG1  1 
ATOM 280 C CG2  . ILE A 1 17 ? -0.053  -4.882 -3.536  1.00 1.35 ? 17 ILE A CG2  1 
ATOM 281 C CD1  . ILE A 1 17 ? 1.890   -4.794 -5.901  1.00 1.37 ? 17 ILE A CD1  1 
ATOM 282 H H    . ILE A 1 17 ? 0.829   -1.262 -4.965  1.00 0.82 ? 17 ILE A H    1 
ATOM 283 H HA   . ILE A 1 17 ? -1.569  -2.793 -4.785  1.00 0.99 ? 17 ILE A HA   1 
ATOM 284 H HB   . ILE A 1 17 ? 1.283   -3.234 -3.838  1.00 1.05 ? 17 ILE A HB   1 
ATOM 285 H HG12 . ILE A 1 17 ? -0.224  -4.505 -6.143  1.00 1.39 ? 17 ILE A HG12 1 
ATOM 286 H HG13 . ILE A 1 17 ? 0.735   -3.039 -6.321  1.00 1.09 ? 17 ILE A HG13 1 
ATOM 287 H HG21 . ILE A 1 17 ? -1.115  -5.037 -3.659  1.00 1.78 ? 17 ILE A HG21 1 
ATOM 288 H HG22 . ILE A 1 17 ? 0.484   -5.730 -3.934  1.00 1.13 ? 17 ILE A HG22 1 
ATOM 289 H HG23 . ILE A 1 17 ? 0.175   -4.775 -2.486  1.00 2.12 ? 17 ILE A HG23 1 
ATOM 290 H HD11 . ILE A 1 17 ? 2.037   -5.386 -5.010  1.00 1.75 ? 17 ILE A HD11 1 
ATOM 291 H HD12 . ILE A 1 17 ? 1.791   -5.448 -6.756  1.00 1.41 ? 17 ILE A HD12 1 
ATOM 292 H HD13 . ILE A 1 17 ? 2.737   -4.141 -6.044  1.00 1.75 ? 17 ILE A HD13 1 
ATOM 293 N N    . ALA A 1 18 ? -0.354  -1.709 -1.892  1.00 0.92 ? 18 ALA A N    1 
ATOM 294 C CA   . ALA A 1 18 ? -0.721  -1.459 -0.460  1.00 1.11 ? 18 ALA A CA   1 
ATOM 295 C C    . ALA A 1 18 ? -1.942  -0.528 -0.383  1.00 1.06 ? 18 ALA A C    1 
ATOM 296 O O    . ALA A 1 18 ? -2.841  -0.771 0.400   1.00 1.13 ? 18 ALA A O    1 
ATOM 297 C CB   . ALA A 1 18 ? 0.505   -0.805 0.184   1.00 1.38 ? 18 ALA A CB   1 
ATOM 298 H H    . ALA A 1 18 ? 0.516   -1.403 -2.228  1.00 0.94 ? 18 ALA A H    1 
ATOM 299 H HA   . ALA A 1 18 ? -0.934  -2.393 0.037   1.00 1.21 ? 18 ALA A HA   1 
ATOM 300 H HB1  . ALA A 1 18 ? 1.368   -1.440 0.047   1.00 1.05 ? 18 ALA A HB1  1 
ATOM 301 H HB2  . ALA A 1 18 ? 0.687   0.154  -0.278  1.00 1.97 ? 18 ALA A HB2  1 
ATOM 302 H HB3  . ALA A 1 18 ? 0.324   -0.667 1.239   1.00 1.94 ? 18 ALA A HB3  1 
ATOM 303 N N    . LYS A 1 19 ? -1.969  0.513  -1.189  1.00 1.08 ? 19 LYS A N    1 
ATOM 304 C CA   . LYS A 1 19 ? -3.111  1.488  -1.208  1.00 1.26 ? 19 LYS A CA   1 
ATOM 305 C C    . LYS A 1 19 ? -4.445  0.741  -1.387  1.00 1.01 ? 19 LYS A C    1 
ATOM 306 O O    . LYS A 1 19 ? -5.397  1.002  -0.674  1.00 1.09 ? 19 LYS A O    1 
ATOM 307 C CB   . LYS A 1 19 ? -2.817  2.419  -2.397  1.00 1.52 ? 19 LYS A CB   1 
ATOM 308 C CG   . LYS A 1 19 ? -3.864  3.534  -2.514  1.00 2.66 ? 19 LYS A CG   1 
ATOM 309 C CD   . LYS A 1 19 ? -3.359  4.617  -3.479  1.00 3.07 ? 19 LYS A CD   1 
ATOM 310 C CE   . LYS A 1 19 ? -4.450  5.001  -4.491  1.00 4.19 ? 19 LYS A CE   1 
ATOM 311 N NZ   . LYS A 1 19 ? -4.039  4.423  -5.808  1.00 4.71 ? 19 LYS A NZ   1 
ATOM 312 H H    . LYS A 1 19 ? -1.215  0.653  -1.802  1.00 1.08 ? 19 LYS A H    1 
ATOM 313 H HA   . LYS A 1 19 ? -3.124  2.064  -0.296  1.00 1.49 ? 19 LYS A HA   1 
ATOM 314 H HB2  . LYS A 1 19 ? -1.842  2.865  -2.263  1.00 1.72 ? 19 LYS A HB2  1 
ATOM 315 H HB3  . LYS A 1 19 ? -2.816  1.837  -3.307  1.00 1.36 ? 19 LYS A HB3  1 
ATOM 316 H HG2  . LYS A 1 19 ? -4.788  3.115  -2.885  1.00 2.99 ? 19 LYS A HG2  1 
ATOM 317 H HG3  . LYS A 1 19 ? -4.035  3.974  -1.542  1.00 3.26 ? 19 LYS A HG3  1 
ATOM 318 H HD2  . LYS A 1 19 ? -3.081  5.492  -2.910  1.00 3.21 ? 19 LYS A HD2  1 
ATOM 319 H HD3  . LYS A 1 19 ? -2.492  4.252  -4.008  1.00 2.94 ? 19 LYS A HD3  1 
ATOM 320 H HE2  . LYS A 1 19 ? -5.403  4.593  -4.185  1.00 4.52 ? 19 LYS A HE2  1 
ATOM 321 H HE3  . LYS A 1 19 ? -4.517  6.076  -4.575  1.00 4.64 ? 19 LYS A HE3  1 
ATOM 322 H HZ1  . LYS A 1 19 ? -3.120  4.812  -6.101  1.00 4.95 ? 19 LYS A HZ1  1 
ATOM 323 H HZ2  . LYS A 1 19 ? -3.968  3.388  -5.724  1.00 5.14 ? 19 LYS A HZ2  1 
ATOM 324 H HZ3  . LYS A 1 19 ? -4.752  4.661  -6.530  1.00 4.77 ? 19 LYS A HZ3  1 
ATOM 325 N N    . ARG A 1 20 ? -4.497  -0.181 -2.325  1.00 0.82 ? 20 ARG A N    1 
ATOM 326 C CA   . ARG A 1 20 ? -5.741  -0.979 -2.589  1.00 0.82 ? 20 ARG A CA   1 
ATOM 327 C C    . ARG A 1 20 ? -6.116  -1.836 -1.367  1.00 0.66 ? 20 ARG A C    1 
ATOM 328 O O    . ARG A 1 20 ? -7.280  -1.923 -1.017  1.00 0.65 ? 20 ARG A O    1 
ATOM 329 C CB   . ARG A 1 20 ? -5.413  -1.868 -3.800  1.00 1.11 ? 20 ARG A CB   1 
ATOM 330 C CG   . ARG A 1 20 ? -6.687  -2.512 -4.356  1.00 1.29 ? 20 ARG A CG   1 
ATOM 331 C CD   . ARG A 1 20 ? -6.330  -3.435 -5.531  1.00 1.51 ? 20 ARG A CD   1 
ATOM 332 N NE   . ARG A 1 20 ? -7.562  -4.219 -5.843  1.00 2.15 ? 20 ARG A NE   1 
ATOM 333 C CZ   . ARG A 1 20 ? -7.590  -5.009 -6.886  1.00 2.43 ? 20 ARG A CZ   1 
ATOM 334 N NH1  . ARG A 1 20 ? -7.188  -6.250 -6.775  1.00 2.64 ? 20 ARG A NH1  1 
ATOM 335 N NH2  . ARG A 1 20 ? -8.023  -4.552 -8.034  1.00 3.10 ? 20 ARG A NH2  1 
ATOM 336 H H    . ARG A 1 20 ? -3.697  -0.355 -2.866  1.00 0.79 ? 20 ARG A H    1 
ATOM 337 H HA   . ARG A 1 20 ? -6.554  -0.320 -2.846  1.00 0.95 ? 20 ARG A HA   1 
ATOM 338 H HB2  . ARG A 1 20 ? -4.950  -1.269 -4.570  1.00 1.36 ? 20 ARG A HB2  1 
ATOM 339 H HB3  . ARG A 1 20 ? -4.728  -2.646 -3.494  1.00 1.09 ? 20 ARG A HB3  1 
ATOM 340 H HG2  . ARG A 1 20 ? -7.168  -3.085 -3.576  1.00 1.70 ? 20 ARG A HG2  1 
ATOM 341 H HG3  . ARG A 1 20 ? -7.361  -1.741 -4.703  1.00 1.48 ? 20 ARG A HG3  1 
ATOM 342 H HD2  . ARG A 1 20 ? -6.035  -2.845 -6.388  1.00 1.34 ? 20 ARG A HD2  1 
ATOM 343 H HD3  . ARG A 1 20 ? -5.535  -4.110 -5.250  1.00 2.20 ? 20 ARG A HD3  1 
ATOM 344 H HE   . ARG A 1 20 ? -8.356  -4.145 -5.271  1.00 2.68 ? 20 ARG A HE   1 
ATOM 345 H HH11 . ARG A 1 20 ? -6.860  -6.595 -5.896  1.00 2.80 ? 20 ARG A HH11 1 
ATOM 346 H HH12 . ARG A 1 20 ? -7.207  -6.861 -7.567  1.00 3.04 ? 20 ARG A HH12 1 
ATOM 347 H HH21 . ARG A 1 20 ? -8.330  -3.604 -8.112  1.00 3.48 ? 20 ARG A HH21 1 
ATOM 348 H HH22 . ARG A 1 20 ? -8.049  -5.147 -8.838  1.00 3.50 ? 20 ARG A HH22 1 
ATOM 349 N N    . SER A 1 21 ? -5.151  -2.457 -0.729  1.00 0.77 ? 21 SER A N    1 
ATOM 350 C CA   . SER A 1 21 ? -5.438  -3.310 0.471   1.00 1.01 ? 21 SER A CA   1 
ATOM 351 C C    . SER A 1 21 ? -5.899  -2.468 1.672   1.00 1.06 ? 21 SER A C    1 
ATOM 352 O O    . SER A 1 21 ? -6.745  -2.916 2.424   1.00 1.36 ? 21 SER A O    1 
ATOM 353 C CB   . SER A 1 21 ? -4.135  -4.047 0.802   1.00 1.31 ? 21 SER A CB   1 
ATOM 354 O OG   . SER A 1 21 ? -4.443  -5.300 1.404   1.00 1.71 ? 21 SER A OG   1 
ATOM 355 H H    . SER A 1 21 ? -4.226  -2.360 -1.046  1.00 0.84 ? 21 SER A H    1 
ATOM 356 H HA   . SER A 1 21 ? -6.195  -4.039 0.225   1.00 1.10 ? 21 SER A HA   1 
ATOM 357 H HB2  . SER A 1 21 ? -3.573  -4.227 -0.101  1.00 1.75 ? 21 SER A HB2  1 
ATOM 358 H HB3  . SER A 1 21 ? -3.538  -3.435 1.468   1.00 1.71 ? 21 SER A HB3  1 
ATOM 359 H HG   . SER A 1 21 ? -3.961  -5.367 2.233   1.00 1.86 ? 21 SER A HG   1 
ATOM 360 N N    . ILE A 1 22 ? -5.359  -1.282 1.857   1.00 1.23 ? 22 ILE A N    1 
ATOM 361 C CA   . ILE A 1 22 ? -5.766  -0.418 3.016   1.00 1.56 ? 22 ILE A CA   1 
ATOM 362 C C    . ILE A 1 22 ? -7.215  0.061  2.850   1.00 1.40 ? 22 ILE A C    1 
ATOM 363 O O    . ILE A 1 22 ? -7.997  -0.089 3.770   1.00 1.41 ? 22 ILE A O    1 
ATOM 364 C CB   . ILE A 1 22 ? -4.786  0.769  3.071   1.00 1.97 ? 22 ILE A CB   1 
ATOM 365 C CG1  . ILE A 1 22 ? -3.362  0.270  3.348   1.00 2.24 ? 22 ILE A CG1  1 
ATOM 366 C CG2  . ILE A 1 22 ? -5.181  1.738  4.195   1.00 2.35 ? 22 ILE A CG2  1 
ATOM 367 C CD1  . ILE A 1 22 ? -2.349  1.210  2.691   1.00 2.55 ? 22 ILE A CD1  1 
ATOM 368 H H    . ILE A 1 22 ? -4.677  -0.960 1.228   1.00 1.40 ? 22 ILE A H    1 
ATOM 369 H HA   . ILE A 1 22 ? -5.684  -0.987 3.930   1.00 1.73 ? 22 ILE A HA   1 
ATOM 370 H HB   . ILE A 1 22 ? -4.810  1.293  2.127   1.00 1.90 ? 22 ILE A HB   1 
ATOM 371 H HG12 . ILE A 1 22 ? -3.192  0.245  4.414   1.00 2.54 ? 22 ILE A HG12 1 
ATOM 372 H HG13 . ILE A 1 22 ? -3.238  -0.723 2.943   1.00 2.02 ? 22 ILE A HG13 1 
ATOM 373 H HG21 . ILE A 1 22 ? -5.842  1.241  4.890   1.00 2.80 ? 22 ILE A HG21 1 
ATOM 374 H HG22 . ILE A 1 22 ? -4.297  2.072  4.720   1.00 2.92 ? 22 ILE A HG22 1 
ATOM 375 H HG23 . ILE A 1 22 ? -5.688  2.592  3.769   1.00 2.11 ? 22 ILE A HG23 1 
ATOM 376 H HD11 . ILE A 1 22 ? -2.635  1.385  1.664   1.00 2.69 ? 22 ILE A HD11 1 
ATOM 377 H HD12 . ILE A 1 22 ? -2.333  2.150  3.225   1.00 2.84 ? 22 ILE A HD12 1 
ATOM 378 H HD13 . ILE A 1 22 ? -1.368  0.761  2.721   1.00 2.73 ? 22 ILE A HD13 1 
ATOM 379 N N    . LYS A 1 23 ? -7.563  0.621  1.710   1.00 1.40 ? 23 LYS A N    1 
ATOM 380 C CA   . LYS A 1 23 ? -8.961  1.117  1.468   1.00 1.51 ? 23 LYS A CA   1 
ATOM 381 C C    . LYS A 1 23 ? -10.005 0.028  1.761   1.00 1.30 ? 23 LYS A C    1 
ATOM 382 O O    . LYS A 1 23 ? -11.008 0.296  2.399   1.00 1.36 ? 23 LYS A O    1 
ATOM 383 C CB   . LYS A 1 23 ? -9.026  1.565  -0.001  1.00 1.67 ? 23 LYS A CB   1 
ATOM 384 C CG   . LYS A 1 23 ? -9.522  3.015  -0.073  1.00 2.10 ? 23 LYS A CG   1 
ATOM 385 C CD   . LYS A 1 23 ? -10.590 3.174  -1.161  1.00 2.19 ? 23 LYS A CD   1 
ATOM 386 C CE   . LYS A 1 23 ? -11.940 2.647  -0.656  1.00 3.00 ? 23 LYS A CE   1 
ATOM 387 N NZ   . LYS A 1 23 ? -12.843 2.632  -1.846  1.00 3.79 ? 23 LYS A NZ   1 
ATOM 388 H H    . LYS A 1 23 ? -6.889  0.715  1.002   1.00 1.44 ? 23 LYS A H    1 
ATOM 389 H HA   . LYS A 1 23 ? -9.151  1.968  2.102   1.00 1.75 ? 23 LYS A HA   1 
ATOM 390 H HB2  . LYS A 1 23 ? -8.043  1.499  -0.446  1.00 2.02 ? 23 LYS A HB2  1 
ATOM 391 H HB3  . LYS A 1 23 ? -9.708  0.929  -0.543  1.00 1.50 ? 23 LYS A HB3  1 
ATOM 392 H HG2  . LYS A 1 23 ? -9.941  3.302  0.881   1.00 2.40 ? 23 LYS A HG2  1 
ATOM 393 H HG3  . LYS A 1 23 ? -8.689  3.664  -0.299  1.00 2.52 ? 23 LYS A HG3  1 
ATOM 394 H HD2  . LYS A 1 23 ? -10.683 4.220  -1.411  1.00 2.38 ? 23 LYS A HD2  1 
ATOM 395 H HD3  . LYS A 1 23 ? -10.295 2.620  -2.040  1.00 2.25 ? 23 LYS A HD3  1 
ATOM 396 H HE2  . LYS A 1 23 ? -11.822 1.650  -0.255  1.00 3.42 ? 23 LYS A HE2  1 
ATOM 397 H HE3  . LYS A 1 23 ? -12.343 3.308  0.095   1.00 3.09 ? 23 LYS A HE3  1 
ATOM 398 H HZ1  . LYS A 1 23 ? -12.442 2.025  -2.589  1.00 3.88 ? 23 LYS A HZ1  1 
ATOM 399 H HZ2  . LYS A 1 23 ? -13.772 2.256  -1.571  1.00 4.34 ? 23 LYS A HZ2  1 
ATOM 400 H HZ3  . LYS A 1 23 ? -12.959 3.600  -2.211  1.00 4.13 ? 23 LYS A HZ3  1 
ATOM 401 N N    . THR A 1 24 ? -9.771  -1.183 1.308   1.00 1.15 ? 24 THR A N    1 
ATOM 402 C CA   . THR A 1 24 ? -10.733 -2.309 1.554   1.00 1.12 ? 24 THR A CA   1 
ATOM 403 C C    . THR A 1 24 ? -10.792 -2.635 3.056   1.00 0.96 ? 24 THR A C    1 
ATOM 404 O O    . THR A 1 24 ? -11.840 -2.991 3.564   1.00 1.02 ? 24 THR A O    1 
ATOM 405 C CB   . THR A 1 24 ? -10.201 -3.508 0.754   1.00 1.19 ? 24 THR A CB   1 
ATOM 406 O OG1  . THR A 1 24 ? -10.145 -3.160 -0.621  1.00 1.81 ? 24 THR A OG1  1 
ATOM 407 C CG2  . THR A 1 24 ? -11.114 -4.727 0.913   1.00 1.78 ? 24 THR A CG2  1 
ATOM 408 H H    . THR A 1 24 ? -8.947  -1.355 0.801   1.00 1.14 ? 24 THR A H    1 
ATOM 409 H HA   . THR A 1 24 ? -11.715 -2.044 1.194   1.00 1.32 ? 24 THR A HA   1 
ATOM 410 H HB   . THR A 1 24 ? -9.211  -3.763 1.105   1.00 1.17 ? 24 THR A HB   1 
ATOM 411 H HG1  . THR A 1 24 ? -9.235  -3.247 -0.912  1.00 1.83 ? 24 THR A HG1  1 
ATOM 412 H HG21 . THR A 1 24 ? -11.187 -4.992 1.958   1.00 1.91 ? 24 THR A HG21 1 
ATOM 413 H HG22 . THR A 1 24 ? -12.098 -4.495 0.531   1.00 2.09 ? 24 THR A HG22 1 
ATOM 414 H HG23 . THR A 1 24 ? -10.702 -5.558 0.362   1.00 2.53 ? 24 THR A HG23 1 
ATOM 415 N N    . LEU A 1 25 ? -9.686  -2.514 3.756   1.00 0.93 ? 25 LEU A N    1 
ATOM 416 C CA   . LEU A 1 25 ? -9.652  -2.805 5.226   1.00 1.06 ? 25 LEU A CA   1 
ATOM 417 C C    . LEU A 1 25 ? -10.478 -1.759 5.987   1.00 1.15 ? 25 LEU A C    1 
ATOM 418 O O    . LEU A 1 25 ? -11.251 -2.103 6.860   1.00 1.17 ? 25 LEU A O    1 
ATOM 419 C CB   . LEU A 1 25 ? -8.176  -2.741 5.652   1.00 1.32 ? 25 LEU A CB   1 
ATOM 420 C CG   . LEU A 1 25 ? -7.739  -4.082 6.254   1.00 1.65 ? 25 LEU A CG   1 
ATOM 421 C CD1  . LEU A 1 25 ? -7.124  -4.960 5.161   1.00 1.61 ? 25 LEU A CD1  1 
ATOM 422 C CD2  . LEU A 1 25 ? -6.697  -3.839 7.349   1.00 2.67 ? 25 LEU A CD2  1 
ATOM 423 H H    . LEU A 1 25 ? -8.864  -2.222 3.306   1.00 0.95 ? 25 LEU A H    1 
ATOM 424 H HA   . LEU A 1 25 ? -10.041 -3.794 5.415   1.00 1.09 ? 25 LEU A HA   1 
ATOM 425 H HB2  . LEU A 1 25 ? -7.559  -2.514 4.794   1.00 1.21 ? 25 LEU A HB2  1 
ATOM 426 H HB3  . LEU A 1 25 ? -8.052  -1.965 6.392   1.00 1.52 ? 25 LEU A HB3  1 
ATOM 427 H HG   . LEU A 1 25 ? -8.598  -4.586 6.674   1.00 2.06 ? 25 LEU A HG   1 
ATOM 428 H HD11 . LEU A 1 25 ? -6.369  -4.400 4.629   1.00 2.20 ? 25 LEU A HD11 1 
ATOM 429 H HD12 . LEU A 1 25 ? -6.673  -5.833 5.610   1.00 1.63 ? 25 LEU A HD12 1 
ATOM 430 H HD13 . LEU A 1 25 ? -7.895  -5.269 4.470   1.00 1.81 ? 25 LEU A HD13 1 
ATOM 431 H HD21 . LEU A 1 25 ? -6.961  -2.957 7.914   1.00 3.01 ? 25 LEU A HD21 1 
ATOM 432 H HD22 . LEU A 1 25 ? -6.665  -4.693 8.008   1.00 3.08 ? 25 LEU A HD22 1 
ATOM 433 H HD23 . LEU A 1 25 ? -5.726  -3.700 6.900   1.00 3.09 ? 25 LEU A HD23 1 
ATOM 434 N N    . GLU A 1 26 ? -10.319 -0.498 5.656   1.00 1.31 ? 26 GLU A N    1 
ATOM 435 C CA   . GLU A 1 26 ? -11.082 0.597  6.340   1.00 1.57 ? 26 GLU A CA   1 
ATOM 436 C C    . GLU A 1 26 ? -12.581 0.462  6.036   1.00 1.48 ? 26 GLU A C    1 
ATOM 437 O O    . GLU A 1 26 ? -13.407 0.608  6.922   1.00 1.58 ? 26 GLU A O    1 
ATOM 438 C CB   . GLU A 1 26 ? -10.512 1.911  5.792   1.00 1.84 ? 26 GLU A CB   1 
ATOM 439 C CG   . GLU A 1 26 ? -9.027  2.039  6.161   1.00 2.19 ? 26 GLU A CG   1 
ATOM 440 C CD   . GLU A 1 26 ? -8.343  3.072  5.261   1.00 2.82 ? 26 GLU A CD   1 
ATOM 441 O OE1  . GLU A 1 26 ? -8.249  2.845  4.065   1.00 3.58 ? 26 GLU A OE1  1 
ATOM 442 O OE2  . GLU A 1 26 ? -7.919  4.084  5.790   1.00 3.05 ? 26 GLU A OE2  1 
ATOM 443 H H    . GLU A 1 26 ? -9.685  -0.272 4.941   1.00 1.31 ? 26 GLU A H    1 
ATOM 444 H HA   . GLU A 1 26 ? -10.918 0.549  7.406   1.00 1.72 ? 26 GLU A HA   1 
ATOM 445 H HB2  . GLU A 1 26 ? -10.618 1.925  4.716   1.00 1.76 ? 26 GLU A HB2  1 
ATOM 446 H HB3  . GLU A 1 26 ? -11.055 2.742  6.215   1.00 2.05 ? 26 GLU A HB3  1 
ATOM 447 H HG2  . GLU A 1 26 ? -8.943  2.351  7.193   1.00 1.86 ? 26 GLU A HG2  1 
ATOM 448 H HG3  . GLU A 1 26 ? -8.538  1.084  6.040   1.00 2.74 ? 26 GLU A HG3  1 
ATOM 449 N N    . HIS A 1 27 ? -12.928 0.175  4.801   1.00 1.40 ? 27 HIS A N    1 
ATOM 450 C CA   . HIS A 1 27 ? -14.365 0.015  4.408   1.00 1.54 ? 27 HIS A CA   1 
ATOM 451 C C    . HIS A 1 27 ? -15.038 -1.129 5.192   1.00 1.37 ? 27 HIS A C    1 
ATOM 452 O O    . HIS A 1 27 ? -16.247 -1.149 5.307   1.00 1.73 ? 27 HIS A O    1 
ATOM 453 C CB   . HIS A 1 27 ? -14.359 -0.265 2.900   1.00 1.69 ? 27 HIS A CB   1 
ATOM 454 C CG   . HIS A 1 27 ? -15.681 0.106  2.277   1.00 2.72 ? 27 HIS A CG   1 
ATOM 455 N ND1  . HIS A 1 27 ? -16.067 -0.393 1.045   1.00 3.46 ? 27 HIS A ND1  1 
ATOM 456 C CD2  . HIS A 1 27 ? -16.715 0.916  2.689   1.00 3.53 ? 27 HIS A CD2  1 
ATOM 457 C CE1  . HIS A 1 27 ? -17.279 0.113  0.759   1.00 4.34 ? 27 HIS A CE1  1 
ATOM 458 N NE2  . HIS A 1 27 ? -17.722 0.918  1.728   1.00 4.41 ? 27 HIS A NE2  1 
ATOM 459 H H    . HIS A 1 27 ? -12.227 0.060  4.122   1.00 1.33 ? 27 HIS A H    1 
ATOM 460 H HA   . HIS A 1 27 ? -14.894 0.937  4.593   1.00 1.92 ? 27 HIS A HA   1 
ATOM 461 H HB2  . HIS A 1 27 ? -13.578 0.317  2.434   1.00 1.69 ? 27 HIS A HB2  1 
ATOM 462 H HB3  . HIS A 1 27 ? -14.165 -1.313 2.731   1.00 1.53 ? 27 HIS A HB3  1 
ATOM 463 H HD1  . HIS A 1 27 ? -15.550 -1.005 0.478   1.00 3.60 ? 27 HIS A HD1  1 
ATOM 464 H HD2  . HIS A 1 27 ? -16.742 1.468  3.617   1.00 3.75 ? 27 HIS A HD2  1 
ATOM 465 H HE1  . HIS A 1 27 ? -17.831 -0.105 -0.143  1.00 5.11 ? 27 HIS A HE1  1 
ATOM 466 N N    . LYS A 1 28 ? -14.283 -2.066 5.729   1.00 1.20 ? 28 LYS A N    1 
ATOM 467 C CA   . LYS A 1 28 ? -14.883 -3.193 6.508   1.00 1.30 ? 28 LYS A CA   1 
ATOM 468 C C    . LYS A 1 28 ? -14.752 -2.931 8.021   1.00 1.08 ? 28 LYS A C    1 
ATOM 469 O O    . LYS A 1 28 ? -15.556 -3.426 8.787   1.00 1.04 ? 28 LYS A O    1 
ATOM 470 C CB   . LYS A 1 28 ? -14.178 -4.472 6.008   1.00 1.80 ? 28 LYS A CB   1 
ATOM 471 C CG   . LYS A 1 28 ? -13.142 -5.041 6.993   1.00 1.41 ? 28 LYS A CG   1 
ATOM 472 C CD   . LYS A 1 28 ? -13.114 -6.571 6.893   1.00 1.34 ? 28 LYS A CD   1 
ATOM 473 C CE   . LYS A 1 28 ? -12.161 -7.019 5.778   1.00 2.00 ? 28 LYS A CE   1 
ATOM 474 N NZ   . LYS A 1 28 ? -12.978 -7.815 4.815   1.00 2.36 ? 28 LYS A NZ   1 
ATOM 475 H H    . LYS A 1 28 ? -13.310 -2.028 5.625   1.00 1.32 ? 28 LYS A H    1 
ATOM 476 H HA   . LYS A 1 28 ? -15.936 -3.255 6.269   1.00 1.52 ? 28 LYS A HA   1 
ATOM 477 H HB2  . LYS A 1 28 ? -14.928 -5.227 5.834   1.00 2.31 ? 28 LYS A HB2  1 
ATOM 478 H HB3  . LYS A 1 28 ? -13.692 -4.255 5.067   1.00 2.59 ? 28 LYS A HB3  1 
ATOM 479 H HG2  . LYS A 1 28 ? -12.165 -4.647 6.755   1.00 1.93 ? 28 LYS A HG2  1 
ATOM 480 H HG3  . LYS A 1 28 ? -13.397 -4.762 8.004   1.00 1.73 ? 28 LYS A HG3  1 
ATOM 481 H HD2  . LYS A 1 28 ? -12.775 -6.978 7.836   1.00 1.48 ? 28 LYS A HD2  1 
ATOM 482 H HD3  . LYS A 1 28 ? -14.109 -6.936 6.686   1.00 1.81 ? 28 LYS A HD3  1 
ATOM 483 H HE2  . LYS A 1 28 ? -11.736 -6.156 5.283   1.00 2.26 ? 28 LYS A HE2  1 
ATOM 484 H HE3  . LYS A 1 28 ? -11.376 -7.639 6.184   1.00 2.54 ? 28 LYS A HE3  1 
ATOM 485 H HZ1  . LYS A 1 28 ? -13.769 -7.237 4.464   1.00 2.70 ? 28 LYS A HZ1  1 
ATOM 486 H HZ2  . LYS A 1 28 ? -12.380 -8.102 4.013   1.00 2.68 ? 28 LYS A HZ2  1 
ATOM 487 H HZ3  . LYS A 1 28 ? -13.349 -8.667 5.281   1.00 2.52 ? 28 LYS A HZ3  1 
ATOM 488 N N    . ARG A 1 29 ? -13.767 -2.168 8.456   1.00 1.35 ? 29 ARG A N    1 
ATOM 489 C CA   . ARG A 1 29 ? -13.589 -1.876 9.916   1.00 1.57 ? 29 ARG A CA   1 
ATOM 490 C C    . ARG A 1 29 ? -14.466 -0.690 10.350  1.00 1.39 ? 29 ARG A C    1 
ATOM 491 O O    . ARG A 1 29 ? -15.329 -0.848 11.192  1.00 1.35 ? 29 ARG A O    1 
ATOM 492 C CB   . ARG A 1 29 ? -12.106 -1.535 10.116  1.00 2.36 ? 29 ARG A CB   1 
ATOM 493 C CG   . ARG A 1 29 ? -11.254 -2.807 10.187  1.00 2.25 ? 29 ARG A CG   1 
ATOM 494 C CD   . ARG A 1 29 ? -9.776  -2.431 10.013  1.00 3.11 ? 29 ARG A CD   1 
ATOM 495 N NE   . ARG A 1 29 ? -9.033  -3.135 11.103  1.00 2.86 ? 29 ARG A NE   1 
ATOM 496 C CZ   . ARG A 1 29 ? -8.519  -2.464 12.106  1.00 3.01 ? 29 ARG A CZ   1 
ATOM 497 N NH1  . ARG A 1 29 ? -7.613  -1.542 11.881  1.00 3.75 ? 29 ARG A NH1  1 
ATOM 498 N NH2  . ARG A 1 29 ? -8.911  -2.718 13.329  1.00 2.91 ? 29 ARG A NH2  1 
ATOM 499 H H    . ARG A 1 29 ? -13.135 -1.779 7.813   1.00 1.63 ? 29 ARG A H    1 
ATOM 500 H HA   . ARG A 1 29 ? -13.834 -2.750 10.502  1.00 1.67 ? 29 ARG A HA   1 
ATOM 501 H HB2  . ARG A 1 29 ? -11.765 -0.923 9.294   1.00 3.04 ? 29 ARG A HB2  1 
ATOM 502 H HB3  . ARG A 1 29 ? -11.997 -0.984 11.038  1.00 2.76 ? 29 ARG A HB3  1 
ATOM 503 H HG2  . ARG A 1 29 ? -11.403 -3.286 11.142  1.00 2.31 ? 29 ARG A HG2  1 
ATOM 504 H HG3  . ARG A 1 29 ? -11.543 -3.482 9.395   1.00 2.20 ? 29 ARG A HG3  1 
ATOM 505 H HD2  . ARG A 1 29 ? -9.429  -2.761 9.044   1.00 3.61 ? 29 ARG A HD2  1 
ATOM 506 H HD3  . ARG A 1 29 ? -9.644  -1.365 10.111  1.00 3.71 ? 29 ARG A HD3  1 
ATOM 507 H HE   . ARG A 1 29 ? -8.927  -4.111 11.064  1.00 2.89 ? 29 ARG A HE   1 
ATOM 508 H HH11 . ARG A 1 29 ? -7.315  -1.350 10.945  1.00 4.05 ? 29 ARG A HH11 1 
ATOM 509 H HH12 . ARG A 1 29 ? -7.215  -1.027 12.640  1.00 4.23 ? 29 ARG A HH12 1 
ATOM 510 H HH21 . ARG A 1 29 ? -9.602  -3.423 13.500  1.00 2.67 ? 29 ARG A HH21 1 
ATOM 511 H HH22 . ARG A 1 29 ? -8.526  -2.212 14.100  1.00 3.40 ? 29 ARG A HH22 1 
ATOM 512 N N    . GLU A 1 30 ? -14.252 0.481  9.788   1.00 1.60 ? 30 GLU A N    1 
ATOM 513 C CA   . GLU A 1 30 ? -15.064 1.691  10.158  1.00 2.01 ? 30 GLU A CA   1 
ATOM 514 C C    . GLU A 1 30 ? -16.551 1.485  9.845   1.00 1.97 ? 30 GLU A C    1 
ATOM 515 O O    . GLU A 1 30 ? -17.401 1.830  10.647  1.00 2.34 ? 30 GLU A O    1 
ATOM 516 C CB   . GLU A 1 30 ? -14.511 2.864  9.337   1.00 2.64 ? 30 GLU A CB   1 
ATOM 517 C CG   . GLU A 1 30 ? -13.600 3.736  10.210  1.00 3.20 ? 30 GLU A CG   1 
ATOM 518 C CD   . GLU A 1 30 ? -14.275 5.080  10.498  1.00 3.78 ? 30 GLU A CD   1 
ATOM 519 O OE1  . GLU A 1 30 ? -15.079 5.131  11.415  1.00 4.04 ? 30 GLU A OE1  1 
ATOM 520 O OE2  . GLU A 1 30 ? -13.980 6.036  9.799   1.00 4.40 ? 30 GLU A OE2  1 
ATOM 521 H H    . GLU A 1 30 ? -13.543 0.563  9.114   1.00 1.65 ? 30 GLU A H    1 
ATOM 522 H HA   . GLU A 1 30 ? -14.941 1.909  11.208  1.00 2.24 ? 30 GLU A HA   1 
ATOM 523 H HB2  . GLU A 1 30 ? -13.949 2.486  8.494   1.00 2.76 ? 30 GLU A HB2  1 
ATOM 524 H HB3  . GLU A 1 30 ? -15.332 3.464  8.975   1.00 2.88 ? 30 GLU A HB3  1 
ATOM 525 H HG2  . GLU A 1 30 ? -13.398 3.228  11.141  1.00 2.95 ? 30 GLU A HG2  1 
ATOM 526 H HG3  . GLU A 1 30 ? -12.669 3.911  9.690   1.00 3.88 ? 30 GLU A HG3  1 
ATOM 527 N N    . ASN A 1 31 ? -16.857 0.927  8.696   1.00 1.88 ? 31 ASN A N    1 
ATOM 528 C CA   . ASN A 1 31 ? -18.284 0.685  8.305   1.00 2.40 ? 31 ASN A CA   1 
ATOM 529 C C    . ASN A 1 31 ? -18.968 -0.381 9.183   1.00 2.09 ? 31 ASN A C    1 
ATOM 530 O O    . ASN A 1 31 ? -20.180 -0.476 9.162   1.00 2.77 ? 31 ASN A O    1 
ATOM 531 C CB   . ASN A 1 31 ? -18.246 0.235  6.841   1.00 2.99 ? 31 ASN A CB   1 
ATOM 532 C CG   . ASN A 1 31 ? -19.524 0.668  6.118   1.00 3.73 ? 31 ASN A CG   1 
ATOM 533 O OD1  . ASN A 1 31 ? -19.532 1.653  5.409   1.00 3.98 ? 31 ASN A OD1  1 
ATOM 534 N ND2  . ASN A 1 31 ? -20.618 -0.028 6.264   1.00 4.40 ? 31 ASN A ND2  1 
ATOM 535 H H    . ASN A 1 31 ? -16.135 0.667  8.085   1.00 1.70 ? 31 ASN A H    1 
ATOM 536 H HA   . ASN A 1 31 ? -18.836 1.610  8.365   1.00 2.89 ? 31 ASN A HA   1 
ATOM 537 H HB2  . ASN A 1 31 ? -17.393 0.679  6.351   1.00 2.97 ? 31 ASN A HB2  1 
ATOM 538 H HB3  . ASN A 1 31 ? -18.163 -0.841 6.799   1.00 3.08 ? 31 ASN A HB3  1 
ATOM 539 H HD21 . ASN A 1 31 ? -20.628 -0.825 6.835   1.00 4.51 ? 31 ASN A HD21 1 
ATOM 540 H HD22 . ASN A 1 31 ? -21.435 0.249  5.801   1.00 4.95 ? 31 ASN A HD22 1 
ATOM 541 N N    . ALA A 1 32 ? -18.238 -1.170 9.944   1.00 1.49 ? 32 ALA A N    1 
ATOM 542 C CA   . ALA A 1 32 ? -18.876 -2.214 10.812  1.00 1.73 ? 32 ALA A CA   1 
ATOM 543 C C    . ALA A 1 32 ? -19.435 -1.586 12.101  1.00 1.55 ? 32 ALA A C    1 
ATOM 544 O O    . ALA A 1 32 ? -19.061 -0.488 12.473  1.00 1.26 ? 32 ALA A O    1 
ATOM 545 C CB   . ALA A 1 32 ? -17.775 -3.223 11.158  1.00 1.89 ? 32 ALA A CB   1 
ATOM 546 H H    . ALA A 1 32 ? -17.262 -1.078 9.952   1.00 1.42 ? 32 ALA A H    1 
ATOM 547 H HA   . ALA A 1 32 ? -19.660 -2.717 10.270  1.00 2.27 ? 32 ALA A HA   1 
ATOM 548 H HB1  . ALA A 1 32 ? -16.837 -2.706 11.297  1.00 1.62 ? 32 ALA A HB1  1 
ATOM 549 H HB2  . ALA A 1 32 ? -18.036 -3.743 12.069  1.00 2.49 ? 32 ALA A HB2  1 
ATOM 550 H HB3  . ALA A 1 32 ? -17.676 -3.938 10.354  1.00 2.36 ? 32 ALA A HB3  1 
ATOM 551 N N    . LYS A 1 33 ? -20.322 -2.284 12.771  1.00 2.19 ? 33 LYS A N    1 
ATOM 552 C CA   . LYS A 1 33 ? -20.926 -1.760 14.041  1.00 2.24 ? 33 LYS A CA   1 
ATOM 553 C C    . LYS A 1 33 ? -19.845 -1.573 15.118  1.00 3.07 ? 33 LYS A C    1 
ATOM 554 O O    . LYS A 1 33 ? -19.762 -0.522 15.728  1.00 3.54 ? 33 LYS A O    1 
ATOM 555 C CB   . LYS A 1 33 ? -21.955 -2.805 14.497  1.00 1.77 ? 33 LYS A CB   1 
ATOM 556 C CG   . LYS A 1 33 ? -23.383 -2.303 14.265  1.00 2.03 ? 33 LYS A CG   1 
ATOM 557 C CD   . LYS A 1 33 ? -24.373 -3.267 14.928  1.00 2.61 ? 33 LYS A CD   1 
ATOM 558 C CE   . LYS A 1 33 ? -24.796 -2.735 16.306  1.00 3.75 ? 33 LYS A CE   1 
ATOM 559 N NZ   . LYS A 1 33 ? -24.690 -3.880 17.260  1.00 4.15 ? 33 LYS A NZ   1 
ATOM 560 H H    . LYS A 1 33 ? -20.590 -3.164 12.434  1.00 2.78 ? 33 LYS A H    1 
ATOM 561 H HA   . LYS A 1 33 ? -21.424 -0.821 13.855  1.00 2.68 ? 33 LYS A HA   1 
ATOM 562 H HB2  . LYS A 1 33 ? -21.806 -3.726 13.954  1.00 2.13 ? 33 LYS A HB2  1 
ATOM 563 H HB3  . LYS A 1 33 ? -21.818 -2.996 15.550  1.00 1.97 ? 33 LYS A HB3  1 
ATOM 564 H HG2  . LYS A 1 33 ? -23.491 -1.315 14.691  1.00 2.44 ? 33 LYS A HG2  1 
ATOM 565 H HG3  . LYS A 1 33 ? -23.581 -2.262 13.204  1.00 2.29 ? 33 LYS A HG3  1 
ATOM 566 H HD2  . LYS A 1 33 ? -25.245 -3.366 14.297  1.00 2.11 ? 33 LYS A HD2  1 
ATOM 567 H HD3  . LYS A 1 33 ? -23.907 -4.235 15.045  1.00 3.06 ? 33 LYS A HD3  1 
ATOM 568 H HE2  . LYS A 1 33 ? -24.135 -1.935 16.611  1.00 4.35 ? 33 LYS A HE2  1 
ATOM 569 H HE3  . LYS A 1 33 ? -25.816 -2.383 16.274  1.00 4.00 ? 33 LYS A HE3  1 
ATOM 570 H HZ1  . LYS A 1 33 ? -25.183 -4.716 16.883  1.00 4.06 ? 33 LYS A HZ1  1 
ATOM 571 H HZ2  . LYS A 1 33 ? -23.684 -4.106 17.412  1.00 4.07 ? 33 LYS A HZ2  1 
ATOM 572 H HZ3  . LYS A 1 33 ? -25.121 -3.611 18.168  1.00 4.91 ? 33 LYS A HZ3  1 
ATOM 573 N N    . GLU A 1 34 ? -19.038 -2.582 15.346  1.00 3.65 ? 34 GLU A N    1 
ATOM 574 C CA   . GLU A 1 34 ? -17.956 -2.503 16.373  1.00 4.88 ? 34 GLU A CA   1 
ATOM 575 C C    . GLU A 1 34 ? -16.593 -2.767 15.715  1.00 5.18 ? 34 GLU A C    1 
ATOM 576 O O    . GLU A 1 34 ? -16.395 -3.845 15.172  1.00 5.69 ? 34 GLU A O    1 
ATOM 577 C CB   . GLU A 1 34 ? -18.325 -3.579 17.407  1.00 5.53 ? 34 GLU A CB   1 
ATOM 578 C CG   . GLU A 1 34 ? -19.473 -3.098 18.313  1.00 6.38 ? 34 GLU A CG   1 
ATOM 579 C CD   . GLU A 1 34 ? -20.864 -3.452 17.757  1.00 6.24 ? 34 GLU A CD   1 
ATOM 580 O OE1  . GLU A 1 34 ? -21.042 -4.533 17.215  1.00 5.93 ? 34 GLU A OE1  1 
ATOM 581 O OE2  . GLU A 1 34 ? -21.756 -2.626 17.887  1.00 6.66 ? 34 GLU A OE2  1 
ATOM 582 O OXT  . GLU A 1 34 ? -15.757 -1.878 15.755  1.00 5.22 ? 34 GLU A OXT  1 
ATOM 583 H H    . GLU A 1 34 ? -19.144 -3.410 14.831  1.00 3.45 ? 34 GLU A H    1 
ATOM 584 H HA   . GLU A 1 34 ? -17.957 -1.534 16.847  1.00 5.34 ? 34 GLU A HA   1 
ATOM 585 H HB2  . GLU A 1 34 ? -18.626 -4.479 16.891  1.00 5.19 ? 34 GLU A HB2  1 
ATOM 586 H HB3  . GLU A 1 34 ? -17.460 -3.797 18.017  1.00 5.96 ? 34 GLU A HB3  1 
ATOM 587 H HG2  . GLU A 1 34 ? -19.366 -3.560 19.283  1.00 7.13 ? 34 GLU A HG2  1 
ATOM 588 H HG3  . GLU A 1 34 ? -19.401 -2.027 18.430  1.00 6.54 ? 34 GLU A HG3  1 
# 
